data_3E9W
# 
_entry.id   3E9W 
# 
_audit_conform.dict_name       mmcif_pdbx.dic 
_audit_conform.dict_version    5.389 
_audit_conform.dict_location   http://mmcif.pdb.org/dictionaries/ascii/mmcif_pdbx.dic 
# 
loop_
_database_2.database_id 
_database_2.database_code 
_database_2.pdbx_database_accession 
_database_2.pdbx_DOI 
PDB   3E9W         pdb_00003e9w 10.2210/pdb3e9w/pdb 
NDB   ZD0025       ?            ?                   
RCSB  RCSB049058   ?            ?                   
WWPDB D_1000049058 ?            ?                   
# 
loop_
_pdbx_audit_revision_history.ordinal 
_pdbx_audit_revision_history.data_content_type 
_pdbx_audit_revision_history.major_revision 
_pdbx_audit_revision_history.minor_revision 
_pdbx_audit_revision_history.revision_date 
1 'Structure model' 1 0 2008-09-30 
2 'Structure model' 1 1 2011-07-13 
3 'Structure model' 1 2 2024-02-21 
4 'Structure model' 1 3 2024-04-03 
# 
_pdbx_audit_revision_details.ordinal             1 
_pdbx_audit_revision_details.revision_ordinal    1 
_pdbx_audit_revision_details.data_content_type   'Structure model' 
_pdbx_audit_revision_details.provider            repository 
_pdbx_audit_revision_details.type                'Initial release' 
_pdbx_audit_revision_details.description         ? 
_pdbx_audit_revision_details.details             ? 
# 
loop_
_pdbx_audit_revision_group.ordinal 
_pdbx_audit_revision_group.revision_ordinal 
_pdbx_audit_revision_group.data_content_type 
_pdbx_audit_revision_group.group 
1 2 'Structure model' 'Version format compliance' 
2 3 'Structure model' 'Data collection'           
3 3 'Structure model' 'Database references'       
4 4 'Structure model' 'Refinement description'    
# 
loop_
_pdbx_audit_revision_category.ordinal 
_pdbx_audit_revision_category.revision_ordinal 
_pdbx_audit_revision_category.data_content_type 
_pdbx_audit_revision_category.category 
1 3 'Structure model' chem_comp_atom                
2 3 'Structure model' chem_comp_bond                
3 3 'Structure model' database_2                    
4 4 'Structure model' pdbx_initial_refinement_model 
# 
loop_
_pdbx_audit_revision_item.ordinal 
_pdbx_audit_revision_item.revision_ordinal 
_pdbx_audit_revision_item.data_content_type 
_pdbx_audit_revision_item.item 
1 3 'Structure model' '_database_2.pdbx_DOI'                
2 3 'Structure model' '_database_2.pdbx_database_accession' 
# 
_pdbx_database_status.status_code                     REL 
_pdbx_database_status.entry_id                        3E9W 
_pdbx_database_status.recvd_initial_deposition_date   2008-08-24 
_pdbx_database_status.deposit_site                    RCSB 
_pdbx_database_status.process_site                    RCSB 
_pdbx_database_status.status_code_sf                  REL 
_pdbx_database_status.status_code_mr                  ? 
_pdbx_database_status.SG_entry                        ? 
_pdbx_database_status.pdb_format_compatible           Y 
_pdbx_database_status.status_code_cs                  ? 
_pdbx_database_status.status_code_nmr_data            ? 
_pdbx_database_status.methods_development_category    ? 
# 
loop_
_audit_author.name 
_audit_author.pdbx_ordinal 
_audit_author.identifier_ORCID 
'Venkadesh, S.' 1 ? 
'Mandal, P.K.'  2 ? 
'Gautham, N.'   3 ? 
# 
_citation.id                        primary 
_citation.title                     'The structure of d(CACACG).d(CGTGTG).' 
_citation.journal_abbrev            'Acta Crystallogr.,Sect.F' 
_citation.journal_volume            65 
_citation.page_first                8 
_citation.page_last                 13 
_citation.year                      2009 
_citation.journal_id_ASTM           ? 
_citation.country                   DK 
_citation.journal_id_ISSN           1744-3091 
_citation.journal_id_CSD            ? 
_citation.book_publisher            ? 
_citation.pdbx_database_id_PubMed   19153446 
_citation.pdbx_database_id_DOI      10.1107/S1744309108037706 
# 
loop_
_citation_author.citation_id 
_citation_author.name 
_citation_author.ordinal 
_citation_author.identifier_ORCID 
primary 'Venkadesh, S.' 1 ? 
primary 'Mandal, P.K.'  2 ? 
primary 'Gautham, N.'   3 ? 
# 
loop_
_entity.id 
_entity.type 
_entity.src_method 
_entity.pdbx_description 
_entity.formula_weight 
_entity.pdbx_number_of_molecules 
_entity.pdbx_ec 
_entity.pdbx_mutation 
_entity.pdbx_fragment 
_entity.details 
1 polymer syn "5'-D(*CP*AP*CP*AP*CP*G)-3'" 1778.207 1  ? ? ? ? 
2 polymer syn "5'-D(*CP*GP*TP*GP*TP*G)-3'" 1840.227 1  ? ? ? ? 
3 water   nat water                        18.015   20 ? ? ? ? 
# 
loop_
_entity_poly.entity_id 
_entity_poly.type 
_entity_poly.nstd_linkage 
_entity_poly.nstd_monomer 
_entity_poly.pdbx_seq_one_letter_code 
_entity_poly.pdbx_seq_one_letter_code_can 
_entity_poly.pdbx_strand_id 
_entity_poly.pdbx_target_identifier 
1 polydeoxyribonucleotide no no '(DC)(DA)(DC)(DA)(DC)(DG)' CACACG A ? 
2 polydeoxyribonucleotide no no '(DC)(DG)(DT)(DG)(DT)(DG)' CGTGTG B ? 
# 
_pdbx_entity_nonpoly.entity_id   3 
_pdbx_entity_nonpoly.name        water 
_pdbx_entity_nonpoly.comp_id     HOH 
# 
loop_
_entity_poly_seq.entity_id 
_entity_poly_seq.num 
_entity_poly_seq.mon_id 
_entity_poly_seq.hetero 
1 1 DC n 
1 2 DA n 
1 3 DC n 
1 4 DA n 
1 5 DC n 
1 6 DG n 
2 1 DC n 
2 2 DG n 
2 3 DT n 
2 4 DG n 
2 5 DT n 
2 6 DG n 
# 
loop_
_chem_comp.id 
_chem_comp.type 
_chem_comp.mon_nstd_flag 
_chem_comp.name 
_chem_comp.pdbx_synonyms 
_chem_comp.formula 
_chem_comp.formula_weight 
DA  'DNA linking' y "2'-DEOXYADENOSINE-5'-MONOPHOSPHATE" ? 'C10 H14 N5 O6 P' 331.222 
DC  'DNA linking' y "2'-DEOXYCYTIDINE-5'-MONOPHOSPHATE"  ? 'C9 H14 N3 O7 P'  307.197 
DG  'DNA linking' y "2'-DEOXYGUANOSINE-5'-MONOPHOSPHATE" ? 'C10 H14 N5 O7 P' 347.221 
DT  'DNA linking' y "THYMIDINE-5'-MONOPHOSPHATE"         ? 'C10 H15 N2 O8 P' 322.208 
HOH non-polymer   . WATER                                ? 'H2 O'            18.015  
# 
loop_
_pdbx_poly_seq_scheme.asym_id 
_pdbx_poly_seq_scheme.entity_id 
_pdbx_poly_seq_scheme.seq_id 
_pdbx_poly_seq_scheme.mon_id 
_pdbx_poly_seq_scheme.ndb_seq_num 
_pdbx_poly_seq_scheme.pdb_seq_num 
_pdbx_poly_seq_scheme.auth_seq_num 
_pdbx_poly_seq_scheme.pdb_mon_id 
_pdbx_poly_seq_scheme.auth_mon_id 
_pdbx_poly_seq_scheme.pdb_strand_id 
_pdbx_poly_seq_scheme.pdb_ins_code 
_pdbx_poly_seq_scheme.hetero 
A 1 1 DC 1 1  1  DC C A . n 
A 1 2 DA 2 2  2  DA A A . n 
A 1 3 DC 3 3  3  DC C A . n 
A 1 4 DA 4 4  4  DA A A . n 
A 1 5 DC 5 5  5  DC C A . n 
A 1 6 DG 6 6  6  DG G A . n 
B 2 1 DC 1 7  7  DC C B . n 
B 2 2 DG 2 8  8  DG G B . n 
B 2 3 DT 3 9  9  DT T B . n 
B 2 4 DG 4 10 10 DG G B . n 
B 2 5 DT 5 11 11 DT T B . n 
B 2 6 DG 6 12 12 DG G B . n 
# 
loop_
_pdbx_nonpoly_scheme.asym_id 
_pdbx_nonpoly_scheme.entity_id 
_pdbx_nonpoly_scheme.mon_id 
_pdbx_nonpoly_scheme.ndb_seq_num 
_pdbx_nonpoly_scheme.pdb_seq_num 
_pdbx_nonpoly_scheme.auth_seq_num 
_pdbx_nonpoly_scheme.pdb_mon_id 
_pdbx_nonpoly_scheme.auth_mon_id 
_pdbx_nonpoly_scheme.pdb_strand_id 
_pdbx_nonpoly_scheme.pdb_ins_code 
C 3 HOH 1  7  1  HOH HOH A . 
C 3 HOH 2  8  4  HOH HOH A . 
C 3 HOH 3  10 8  HOH HOH A . 
C 3 HOH 4  13 12 HOH HOH A . 
C 3 HOH 5  15 15 HOH HOH A . 
C 3 HOH 6  16 17 HOH HOH A . 
C 3 HOH 7  17 19 HOH HOH A . 
C 3 HOH 8  18 13 HOH HOH A . 
D 3 HOH 1  13 7  HOH HOH B . 
D 3 HOH 2  14 9  HOH HOH B . 
D 3 HOH 3  15 10 HOH HOH B . 
D 3 HOH 4  16 14 HOH HOH B . 
D 3 HOH 5  17 2  HOH HOH B . 
D 3 HOH 6  18 3  HOH HOH B . 
D 3 HOH 7  19 5  HOH HOH B . 
D 3 HOH 8  20 6  HOH HOH B . 
D 3 HOH 9  21 11 HOH HOH B . 
D 3 HOH 10 22 16 HOH HOH B . 
D 3 HOH 11 23 18 HOH HOH B . 
D 3 HOH 12 24 20 HOH HOH B . 
# 
loop_
_software.name 
_software.classification 
_software.version 
_software.citation_id 
_software.pdbx_ordinal 
_software.date 
_software.type 
_software.location 
_software.language 
MAR345dtb 'data collection' .        ? 1 ? ? ? ? 
AMoRE     phasing           .        ? 2 ? ? ? ? 
REFMAC    refinement        5.2.0019 ? 3 ? ? ? ? 
AUTOMAR   'data reduction'  .        ? 4 ? ? ? ? 
SCALEPACK 'data scaling'    .        ? 5 ? ? ? ? 
# 
_cell.entry_id           3E9W 
_cell.length_a           17.854 
_cell.length_b           43.440 
_cell.length_c           17.847 
_cell.angle_alpha        90.00 
_cell.angle_beta         119.87 
_cell.angle_gamma        90.00 
_cell.Z_PDB              2 
_cell.pdbx_unique_axis   ? 
_cell.length_a_esd       ? 
_cell.length_b_esd       ? 
_cell.length_c_esd       ? 
_cell.angle_alpha_esd    ? 
_cell.angle_beta_esd     ? 
_cell.angle_gamma_esd    ? 
# 
_symmetry.entry_id                         3E9W 
_symmetry.space_group_name_H-M             'P 1 21 1' 
_symmetry.pdbx_full_space_group_name_H-M   ? 
_symmetry.cell_setting                     ? 
_symmetry.Int_Tables_number                4 
_symmetry.space_group_name_Hall            ? 
# 
_exptl.entry_id          3E9W 
_exptl.method            'X-RAY DIFFRACTION' 
_exptl.crystals_number   1 
# 
_exptl_crystal.id                    1 
_exptl_crystal.density_meas          ? 
_exptl_crystal.density_Matthews      1.67 
_exptl_crystal.density_percent_sol   ? 
_exptl_crystal.description           ? 
_exptl_crystal.F_000                 ? 
_exptl_crystal.preparation           ? 
# 
_exptl_crystal_grow.crystal_id      1 
_exptl_crystal_grow.method          'VAPOR DIFFUSION, HANGING DROP' 
_exptl_crystal_grow.temp            300 
_exptl_crystal_grow.temp_details    ? 
_exptl_crystal_grow.pH              6.99 
_exptl_crystal_grow.pdbx_details    
'cobalt(III)hexammine chloride,spermine and 50% MPD, pH 6.99, VAPOR DIFFUSION, HANGING DROP, temperature 300K' 
_exptl_crystal_grow.pdbx_pH_range   ? 
# 
loop_
_exptl_crystal_grow_comp.crystal_id 
_exptl_crystal_grow_comp.id 
_exptl_crystal_grow_comp.sol_id 
_exptl_crystal_grow_comp.name 
_exptl_crystal_grow_comp.volume 
_exptl_crystal_grow_comp.conc 
_exptl_crystal_grow_comp.details 
1 1 1 'cobalt(III)hexammine chloride' ? ? ? 
1 2 1 spermine                        ? ? ? 
1 3 1 MPD                             ? ? ? 
1 4 2 'cobalt(III)hexammine chloride' ? ? ? 
1 5 2 MPD                             ? ? ? 
# 
_diffrn.id                     1 
_diffrn.ambient_temp           300 
_diffrn.ambient_temp_details   ? 
_diffrn.crystal_id             1 
# 
_diffrn_detector.diffrn_id              1 
_diffrn_detector.detector               'IMAGE PLATE' 
_diffrn_detector.type                   MARRESEARCH 
_diffrn_detector.pdbx_collection_date   2006-10-30 
_diffrn_detector.details                ? 
# 
_diffrn_radiation.diffrn_id                        1 
_diffrn_radiation.wavelength_id                    1 
_diffrn_radiation.pdbx_monochromatic_or_laue_m_l   M 
_diffrn_radiation.monochromator                    MIRRORS 
_diffrn_radiation.pdbx_diffrn_protocol             'SINGLE WAVELENGTH' 
_diffrn_radiation.pdbx_scattering_type             x-ray 
# 
_diffrn_radiation_wavelength.id           1 
_diffrn_radiation_wavelength.wavelength   1.5418 
_diffrn_radiation_wavelength.wt           1.0 
# 
_diffrn_source.diffrn_id                   1 
_diffrn_source.source                      'ROTATING ANODE' 
_diffrn_source.type                        'RIGAKU RU300' 
_diffrn_source.pdbx_synchrotron_site       ? 
_diffrn_source.pdbx_synchrotron_beamline   ? 
_diffrn_source.pdbx_wavelength             ? 
_diffrn_source.pdbx_wavelength_list        1.5418 
# 
_reflns.entry_id                     3E9W 
_reflns.observed_criterion_sigma_I   0.0 
_reflns.observed_criterion_sigma_F   0.0 
_reflns.d_resolution_low             15.0 
_reflns.d_resolution_high            2.05 
_reflns.number_obs                   1384 
_reflns.number_all                   1384 
_reflns.percent_possible_obs         92.1 
_reflns.pdbx_Rmerge_I_obs            0.027 
_reflns.pdbx_Rsym_value              ? 
_reflns.pdbx_netI_over_sigmaI        11.7 
_reflns.B_iso_Wilson_estimate        ? 
_reflns.pdbx_redundancy              2.73 
_reflns.R_free_details               ? 
_reflns.limit_h_max                  ? 
_reflns.limit_h_min                  ? 
_reflns.limit_k_max                  ? 
_reflns.limit_k_min                  ? 
_reflns.limit_l_max                  ? 
_reflns.limit_l_min                  ? 
_reflns.observed_criterion_F_max     ? 
_reflns.observed_criterion_F_min     ? 
_reflns.pdbx_chi_squared             ? 
_reflns.pdbx_scaling_rejects         ? 
_reflns.pdbx_diffrn_id               1 
_reflns.pdbx_ordinal                 1 
_reflns.pdbx_CC_half                 ? 
_reflns.pdbx_CC_star                 ? 
_reflns.pdbx_Rpim_I_all              ? 
_reflns.pdbx_Rrim_I_all              ? 
# 
_reflns_shell.d_res_high             2.05 
_reflns_shell.d_res_low              2.13 
_reflns_shell.percent_possible_all   94.5 
_reflns_shell.Rmerge_I_obs           0.1984 
_reflns_shell.pdbx_Rsym_value        ? 
_reflns_shell.meanI_over_sigI_obs    2.5 
_reflns_shell.pdbx_redundancy        2.74 
_reflns_shell.percent_possible_obs   ? 
_reflns_shell.number_unique_all      120 
_reflns_shell.number_measured_all    ? 
_reflns_shell.number_measured_obs    ? 
_reflns_shell.number_unique_obs      ? 
_reflns_shell.pdbx_chi_squared       ? 
_reflns_shell.pdbx_diffrn_id         ? 
_reflns_shell.pdbx_ordinal           1 
_reflns_shell.pdbx_CC_half           ? 
_reflns_shell.pdbx_CC_star           ? 
_reflns_shell.pdbx_Rpim_I_all        ? 
_reflns_shell.pdbx_Rrim_I_all        ? 
# 
_refine.entry_id                                 3E9W 
_refine.ls_number_reflns_obs                     1314 
_refine.ls_number_reflns_all                     ? 
_refine.pdbx_ls_sigma_I                          ? 
_refine.pdbx_ls_sigma_F                          ? 
_refine.pdbx_data_cutoff_high_absF               ? 
_refine.pdbx_data_cutoff_low_absF                ? 
_refine.pdbx_data_cutoff_high_rms_absF           ? 
_refine.ls_d_res_low                             14.58 
_refine.ls_d_res_high                            2.05 
_refine.ls_percent_reflns_obs                    92.80 
_refine.ls_R_factor_obs                          0.23663 
_refine.ls_R_factor_all                          ? 
_refine.ls_R_factor_R_work                       0.23507 
_refine.ls_R_factor_R_free                       0.26375 
_refine.ls_R_factor_R_free_error                 ? 
_refine.ls_R_factor_R_free_error_details         ? 
_refine.ls_percent_reflns_R_free                 4.8 
_refine.ls_number_reflns_R_free                  66 
_refine.ls_number_parameters                     ? 
_refine.ls_number_restraints                     ? 
_refine.occupancy_min                            ? 
_refine.occupancy_max                            ? 
_refine.correlation_coeff_Fo_to_Fc               0.962 
_refine.correlation_coeff_Fo_to_Fc_free          0.952 
_refine.B_iso_mean                               34.975 
_refine.aniso_B[1][1]                            -0.15 
_refine.aniso_B[2][2]                            0.05 
_refine.aniso_B[3][3]                            0.13 
_refine.aniso_B[1][2]                            0.00 
_refine.aniso_B[1][3]                            0.03 
_refine.aniso_B[2][3]                            0.00 
_refine.solvent_model_details                    MASK 
_refine.solvent_model_param_ksol                 ? 
_refine.solvent_model_param_bsol                 ? 
_refine.pdbx_solvent_vdw_probe_radii             1.20 
_refine.pdbx_solvent_ion_probe_radii             0.80 
_refine.pdbx_solvent_shrinkage_radii             0.80 
_refine.pdbx_ls_cross_valid_method               THROUGHOUT 
_refine.details                                  ? 
_refine.pdbx_starting_model                      'Fiber model of Z-DNA' 
_refine.pdbx_method_to_determine_struct          'MOLECULAR REPLACEMENT' 
_refine.pdbx_isotropic_thermal_model             Overall 
_refine.pdbx_stereochemistry_target_values       'MAXIMUM LIKELIHOOD' 
_refine.pdbx_stereochem_target_val_spec_case     ? 
_refine.pdbx_R_Free_selection_details            RANDOM 
_refine.pdbx_overall_ESU_R                       0.351 
_refine.pdbx_overall_ESU_R_Free                  0.251 
_refine.overall_SU_ML                            0.225 
_refine.overall_SU_B                             ? 
_refine.ls_redundancy_reflns_obs                 ? 
_refine.B_iso_min                                ? 
_refine.B_iso_max                                ? 
_refine.overall_SU_R_Cruickshank_DPI             ? 
_refine.overall_SU_R_free                        ? 
_refine.ls_wR_factor_R_free                      ? 
_refine.ls_wR_factor_R_work                      ? 
_refine.overall_FOM_free_R_set                   ? 
_refine.overall_FOM_work_R_set                   ? 
_refine.pdbx_overall_phase_error                 ? 
_refine.pdbx_refine_id                           'X-RAY DIFFRACTION' 
_refine.pdbx_diffrn_id                           1 
_refine.pdbx_TLS_residual_ADP_flag               ? 
_refine.pdbx_overall_SU_R_free_Cruickshank_DPI   ? 
_refine.pdbx_overall_SU_R_Blow_DPI               ? 
_refine.pdbx_overall_SU_R_free_Blow_DPI          ? 
# 
_refine_hist.pdbx_refine_id                   'X-RAY DIFFRACTION' 
_refine_hist.cycle_id                         LAST 
_refine_hist.pdbx_number_atoms_protein        0 
_refine_hist.pdbx_number_atoms_nucleic_acid   240 
_refine_hist.pdbx_number_atoms_ligand         0 
_refine_hist.number_atoms_solvent             20 
_refine_hist.number_atoms_total               260 
_refine_hist.d_res_high                       2.05 
_refine_hist.d_res_low                        14.58 
# 
loop_
_refine_ls_restr.type 
_refine_ls_restr.dev_ideal 
_refine_ls_restr.dev_ideal_target 
_refine_ls_restr.weight 
_refine_ls_restr.number 
_refine_ls_restr.pdbx_refine_id 
_refine_ls_restr.pdbx_restraint_function 
r_bond_refined_d         0.042 0.021 ? 268 'X-RAY DIFFRACTION' ? 
r_angle_refined_deg      6.407 3.000 ? 410 'X-RAY DIFFRACTION' ? 
r_gen_planes_refined     0.024 0.020 ? 126 'X-RAY DIFFRACTION' ? 
r_nbd_refined            0.296 0.200 ? 136 'X-RAY DIFFRACTION' ? 
r_nbtor_refined          0.424 0.200 ? 139 'X-RAY DIFFRACTION' ? 
r_xyhbond_nbd_refined    0.345 0.200 ? 11  'X-RAY DIFFRACTION' ? 
r_symmetry_vdw_refined   0.398 0.200 ? 29  'X-RAY DIFFRACTION' ? 
r_symmetry_hbond_refined 0.582 0.200 ? 5   'X-RAY DIFFRACTION' ? 
# 
_refine_ls_shell.pdbx_total_number_of_bins_used   20 
_refine_ls_shell.d_res_high                       2.05 
_refine_ls_shell.d_res_low                        2.107 
_refine_ls_shell.number_reflns_R_work             80 
_refine_ls_shell.R_factor_R_work                  0.527 
_refine_ls_shell.percent_reflns_obs               96.47 
_refine_ls_shell.R_factor_R_free                  0.706 
_refine_ls_shell.R_factor_R_free_error            ? 
_refine_ls_shell.percent_reflns_R_free            ? 
_refine_ls_shell.number_reflns_R_free             2 
_refine_ls_shell.number_reflns_all                ? 
_refine_ls_shell.R_factor_all                     ? 
_refine_ls_shell.number_reflns_obs                ? 
_refine_ls_shell.redundancy_reflns_obs            ? 
_refine_ls_shell.pdbx_refine_id                   'X-RAY DIFFRACTION' 
_refine_ls_shell.R_factor_obs                     ? 
# 
_struct.entry_id                  3E9W 
_struct.title                     
'X-Ray Crystal Structure of the hexamer DCACACG:Crystal grown in the presence of cobalt(III)hexammine Chloride.' 
_struct.pdbx_model_details        ? 
_struct.pdbx_CASP_flag            ? 
_struct.pdbx_model_type_details   ? 
# 
_struct_keywords.entry_id        3E9W 
_struct_keywords.pdbx_keywords   DNA 
_struct_keywords.text            'Z DOUBLE HELIX, DNA' 
# 
loop_
_struct_asym.id 
_struct_asym.pdbx_blank_PDB_chainid_flag 
_struct_asym.pdbx_modified 
_struct_asym.entity_id 
_struct_asym.details 
A N N 1 ? 
B N N 2 ? 
C N N 3 ? 
D N N 3 ? 
# 
loop_
_struct_ref.id 
_struct_ref.db_name 
_struct_ref.db_code 
_struct_ref.pdbx_db_accession 
_struct_ref.entity_id 
_struct_ref.pdbx_align_begin 
_struct_ref.pdbx_seq_one_letter_code 
_struct_ref.pdbx_db_isoform 
1 PDB 3E9W 3E9W 1 1 CACACG ? 
2 PDB 3E9W 3E9W 2 7 CGTGTG ? 
# 
loop_
_struct_ref_seq.align_id 
_struct_ref_seq.ref_id 
_struct_ref_seq.pdbx_PDB_id_code 
_struct_ref_seq.pdbx_strand_id 
_struct_ref_seq.seq_align_beg 
_struct_ref_seq.pdbx_seq_align_beg_ins_code 
_struct_ref_seq.seq_align_end 
_struct_ref_seq.pdbx_seq_align_end_ins_code 
_struct_ref_seq.pdbx_db_accession 
_struct_ref_seq.db_align_beg 
_struct_ref_seq.pdbx_db_align_beg_ins_code 
_struct_ref_seq.db_align_end 
_struct_ref_seq.pdbx_db_align_end_ins_code 
_struct_ref_seq.pdbx_auth_seq_align_beg 
_struct_ref_seq.pdbx_auth_seq_align_end 
1 1 3E9W A 1 ? 6 ? 3E9W 1 ? 6  ? 1 6  
2 2 3E9W B 1 ? 6 ? 3E9W 7 ? 12 ? 7 12 
# 
_pdbx_struct_assembly.id                   1 
_pdbx_struct_assembly.details              author_and_software_defined_assembly 
_pdbx_struct_assembly.method_details       PISA 
_pdbx_struct_assembly.oligomeric_details   dimeric 
_pdbx_struct_assembly.oligomeric_count     2 
# 
loop_
_pdbx_struct_assembly_prop.biol_id 
_pdbx_struct_assembly_prop.type 
_pdbx_struct_assembly_prop.value 
_pdbx_struct_assembly_prop.details 
1 'ABSA (A^2)' 660  ? 
1 MORE         -7   ? 
1 'SSA (A^2)'  2350 ? 
# 
_pdbx_struct_assembly_gen.assembly_id       1 
_pdbx_struct_assembly_gen.oper_expression   1 
_pdbx_struct_assembly_gen.asym_id_list      A,B,C,D 
# 
_pdbx_struct_oper_list.id                   1 
_pdbx_struct_oper_list.type                 'identity operation' 
_pdbx_struct_oper_list.name                 1_555 
_pdbx_struct_oper_list.symmetry_operation   x,y,z 
_pdbx_struct_oper_list.matrix[1][1]         1.0000000000 
_pdbx_struct_oper_list.matrix[1][2]         0.0000000000 
_pdbx_struct_oper_list.matrix[1][3]         0.0000000000 
_pdbx_struct_oper_list.vector[1]            0.0000000000 
_pdbx_struct_oper_list.matrix[2][1]         0.0000000000 
_pdbx_struct_oper_list.matrix[2][2]         1.0000000000 
_pdbx_struct_oper_list.matrix[2][3]         0.0000000000 
_pdbx_struct_oper_list.vector[2]            0.0000000000 
_pdbx_struct_oper_list.matrix[3][1]         0.0000000000 
_pdbx_struct_oper_list.matrix[3][2]         0.0000000000 
_pdbx_struct_oper_list.matrix[3][3]         1.0000000000 
_pdbx_struct_oper_list.vector[3]            0.0000000000 
# 
loop_
_struct_conn.id 
_struct_conn.conn_type_id 
_struct_conn.pdbx_leaving_atom_flag 
_struct_conn.pdbx_PDB_id 
_struct_conn.ptnr1_label_asym_id 
_struct_conn.ptnr1_label_comp_id 
_struct_conn.ptnr1_label_seq_id 
_struct_conn.ptnr1_label_atom_id 
_struct_conn.pdbx_ptnr1_label_alt_id 
_struct_conn.pdbx_ptnr1_PDB_ins_code 
_struct_conn.pdbx_ptnr1_standard_comp_id 
_struct_conn.ptnr1_symmetry 
_struct_conn.ptnr2_label_asym_id 
_struct_conn.ptnr2_label_comp_id 
_struct_conn.ptnr2_label_seq_id 
_struct_conn.ptnr2_label_atom_id 
_struct_conn.pdbx_ptnr2_label_alt_id 
_struct_conn.pdbx_ptnr2_PDB_ins_code 
_struct_conn.ptnr1_auth_asym_id 
_struct_conn.ptnr1_auth_comp_id 
_struct_conn.ptnr1_auth_seq_id 
_struct_conn.ptnr2_auth_asym_id 
_struct_conn.ptnr2_auth_comp_id 
_struct_conn.ptnr2_auth_seq_id 
_struct_conn.ptnr2_symmetry 
_struct_conn.pdbx_ptnr3_label_atom_id 
_struct_conn.pdbx_ptnr3_label_seq_id 
_struct_conn.pdbx_ptnr3_label_comp_id 
_struct_conn.pdbx_ptnr3_label_asym_id 
_struct_conn.pdbx_ptnr3_label_alt_id 
_struct_conn.pdbx_ptnr3_PDB_ins_code 
_struct_conn.details 
_struct_conn.pdbx_dist_value 
_struct_conn.pdbx_value_order 
_struct_conn.pdbx_role 
hydrog1  hydrog ? ? A DC 1 N3 ? ? ? 1_555 B DG 6 N1 ? ? A DC 1 B DG 12 1_555 ? ? ? ? ? ? WATSON-CRICK ? ? ? 
hydrog2  hydrog ? ? A DC 1 N4 ? ? ? 1_555 B DG 6 O6 ? ? A DC 1 B DG 12 1_555 ? ? ? ? ? ? WATSON-CRICK ? ? ? 
hydrog3  hydrog ? ? A DC 1 O2 ? ? ? 1_555 B DG 6 N2 ? ? A DC 1 B DG 12 1_555 ? ? ? ? ? ? WATSON-CRICK ? ? ? 
hydrog4  hydrog ? ? A DA 2 N1 ? ? ? 1_555 B DT 5 N3 ? ? A DA 2 B DT 11 1_555 ? ? ? ? ? ? WATSON-CRICK ? ? ? 
hydrog5  hydrog ? ? A DA 2 N6 ? ? ? 1_555 B DT 5 O4 ? ? A DA 2 B DT 11 1_555 ? ? ? ? ? ? WATSON-CRICK ? ? ? 
hydrog6  hydrog ? ? A DC 3 N3 ? ? ? 1_555 B DG 4 N1 ? ? A DC 3 B DG 10 1_555 ? ? ? ? ? ? WATSON-CRICK ? ? ? 
hydrog7  hydrog ? ? A DC 3 N4 ? ? ? 1_555 B DG 4 O6 ? ? A DC 3 B DG 10 1_555 ? ? ? ? ? ? WATSON-CRICK ? ? ? 
hydrog8  hydrog ? ? A DC 3 O2 ? ? ? 1_555 B DG 4 N2 ? ? A DC 3 B DG 10 1_555 ? ? ? ? ? ? WATSON-CRICK ? ? ? 
hydrog9  hydrog ? ? A DA 4 N1 ? ? ? 1_555 B DT 3 N3 ? ? A DA 4 B DT 9  1_555 ? ? ? ? ? ? WATSON-CRICK ? ? ? 
hydrog10 hydrog ? ? A DA 4 N6 ? ? ? 1_555 B DT 3 O4 ? ? A DA 4 B DT 9  1_555 ? ? ? ? ? ? WATSON-CRICK ? ? ? 
hydrog11 hydrog ? ? A DC 5 N3 ? ? ? 1_555 B DG 2 N1 ? ? A DC 5 B DG 8  1_555 ? ? ? ? ? ? WATSON-CRICK ? ? ? 
hydrog12 hydrog ? ? A DC 5 N4 ? ? ? 1_555 B DG 2 O6 ? ? A DC 5 B DG 8  1_555 ? ? ? ? ? ? WATSON-CRICK ? ? ? 
hydrog13 hydrog ? ? A DC 5 O2 ? ? ? 1_555 B DG 2 N2 ? ? A DC 5 B DG 8  1_555 ? ? ? ? ? ? WATSON-CRICK ? ? ? 
hydrog14 hydrog ? ? A DG 6 N1 ? ? ? 1_555 B DC 1 N3 ? ? A DG 6 B DC 7  1_555 ? ? ? ? ? ? WATSON-CRICK ? ? ? 
hydrog15 hydrog ? ? A DG 6 N2 ? ? ? 1_555 B DC 1 O2 ? ? A DG 6 B DC 7  1_555 ? ? ? ? ? ? WATSON-CRICK ? ? ? 
hydrog16 hydrog ? ? A DG 6 O6 ? ? ? 1_555 B DC 1 N4 ? ? A DG 6 B DC 7  1_555 ? ? ? ? ? ? WATSON-CRICK ? ? ? 
# 
_struct_conn_type.id          hydrog 
_struct_conn_type.criteria    ? 
_struct_conn_type.reference   ? 
# 
loop_
_pdbx_validate_rmsd_bond.id 
_pdbx_validate_rmsd_bond.PDB_model_num 
_pdbx_validate_rmsd_bond.auth_atom_id_1 
_pdbx_validate_rmsd_bond.auth_asym_id_1 
_pdbx_validate_rmsd_bond.auth_comp_id_1 
_pdbx_validate_rmsd_bond.auth_seq_id_1 
_pdbx_validate_rmsd_bond.PDB_ins_code_1 
_pdbx_validate_rmsd_bond.label_alt_id_1 
_pdbx_validate_rmsd_bond.auth_atom_id_2 
_pdbx_validate_rmsd_bond.auth_asym_id_2 
_pdbx_validate_rmsd_bond.auth_comp_id_2 
_pdbx_validate_rmsd_bond.auth_seq_id_2 
_pdbx_validate_rmsd_bond.PDB_ins_code_2 
_pdbx_validate_rmsd_bond.label_alt_id_2 
_pdbx_validate_rmsd_bond.bond_value 
_pdbx_validate_rmsd_bond.bond_target_value 
_pdbx_validate_rmsd_bond.bond_deviation 
_pdbx_validate_rmsd_bond.bond_standard_deviation 
_pdbx_validate_rmsd_bond.linker_flag 
1  1 "C1'" A DC 1  ? ? N1    A DC 1  ? ? 1.350 1.468 -0.118 0.014 N 
2  1 C4    A DC 1  ? ? C5    A DC 1  ? ? 1.363 1.425 -0.062 0.008 N 
3  1 "C5'" A DA 2  ? ? "C4'" A DA 2  ? ? 1.554 1.512 0.042  0.007 N 
4  1 "O4'" A DA 2  ? ? "C4'" A DA 2  ? ? 1.385 1.446 -0.061 0.010 N 
5  1 "O3'" A DA 2  ? ? "C3'" A DA 2  ? ? 1.323 1.419 -0.096 0.006 N 
6  1 C5    A DA 2  ? ? C6    A DA 2  ? ? 1.337 1.406 -0.069 0.009 N 
7  1 C5    A DA 2  ? ? N7    A DA 2  ? ? 1.329 1.388 -0.059 0.006 N 
8  1 "O3'" A DC 3  ? ? "C3'" A DC 3  ? ? 1.316 1.419 -0.103 0.006 N 
9  1 "C1'" A DC 3  ? ? N1    A DC 3  ? ? 1.383 1.468 -0.085 0.014 N 
10 1 N1    A DC 3  ? ? C6    A DC 3  ? ? 1.293 1.367 -0.074 0.006 N 
11 1 C2    A DC 3  ? ? N3    A DC 3  ? ? 1.283 1.353 -0.070 0.008 N 
12 1 N3    A DC 3  ? ? C4    A DC 3  ? ? 1.279 1.335 -0.056 0.007 N 
13 1 P     A DA 4  ? ? "O5'" A DA 4  ? ? 1.528 1.593 -0.065 0.010 N 
14 1 "O3'" A DA 4  ? ? "C3'" A DA 4  ? ? 1.548 1.435 0.113  0.013 N 
15 1 N3    A DA 4  ? ? C4    A DA 4  ? ? 1.390 1.344 0.046  0.006 N 
16 1 N9    A DA 4  ? ? C4    A DA 4  ? ? 1.410 1.374 0.036  0.006 N 
17 1 "O3'" A DA 4  ? ? P     A DC 5  ? ? 1.710 1.607 0.103  0.012 Y 
18 1 N1    A DC 5  ? ? C2    A DC 5  ? ? 1.326 1.397 -0.071 0.010 N 
19 1 "C5'" B DC 7  ? ? "C4'" B DC 7  ? ? 1.572 1.512 0.060  0.007 N 
20 1 "C1'" B DC 7  ? ? N1    B DC 7  ? ? 1.356 1.468 -0.112 0.014 N 
21 1 "C4'" B DG 8  ? ? "C3'" B DG 8  ? ? 1.437 1.521 -0.084 0.010 N 
22 1 "O3'" B DG 8  ? ? "C3'" B DG 8  ? ? 1.357 1.419 -0.062 0.006 N 
23 1 C2    B DT 9  ? ? O2    B DT 9  ? ? 1.168 1.220 -0.052 0.008 N 
24 1 C5    B DT 9  ? ? C7    B DT 9  ? ? 1.535 1.496 0.039  0.006 N 
25 1 C5    B DG 10 ? ? C6    B DG 10 ? ? 1.518 1.419 0.099  0.010 N 
26 1 C5    B DG 10 ? ? N7    B DG 10 ? ? 1.447 1.388 0.059  0.006 N 
27 1 N9    B DG 10 ? ? C4    B DG 10 ? ? 1.424 1.375 0.049  0.008 N 
28 1 C6    B DG 10 ? ? O6    B DG 10 ? ? 1.320 1.237 0.083  0.009 N 
29 1 P     B DT 11 ? ? "O5'" B DT 11 ? ? 1.657 1.593 0.064  0.010 N 
30 1 "O3'" B DT 11 ? ? "C3'" B DT 11 ? ? 1.365 1.419 -0.054 0.006 N 
31 1 "C1'" B DT 11 ? ? N1    B DT 11 ? ? 1.369 1.468 -0.099 0.014 N 
32 1 N1    B DT 11 ? ? C2    B DT 11 ? ? 1.288 1.376 -0.088 0.008 N 
33 1 P     B DG 12 ? ? "O5'" B DG 12 ? ? 1.679 1.593 0.086  0.010 N 
34 1 "O5'" B DG 12 ? ? "C5'" B DG 12 ? ? 1.540 1.440 0.100  0.016 N 
# 
loop_
_pdbx_validate_rmsd_angle.id 
_pdbx_validate_rmsd_angle.PDB_model_num 
_pdbx_validate_rmsd_angle.auth_atom_id_1 
_pdbx_validate_rmsd_angle.auth_asym_id_1 
_pdbx_validate_rmsd_angle.auth_comp_id_1 
_pdbx_validate_rmsd_angle.auth_seq_id_1 
_pdbx_validate_rmsd_angle.PDB_ins_code_1 
_pdbx_validate_rmsd_angle.label_alt_id_1 
_pdbx_validate_rmsd_angle.auth_atom_id_2 
_pdbx_validate_rmsd_angle.auth_asym_id_2 
_pdbx_validate_rmsd_angle.auth_comp_id_2 
_pdbx_validate_rmsd_angle.auth_seq_id_2 
_pdbx_validate_rmsd_angle.PDB_ins_code_2 
_pdbx_validate_rmsd_angle.label_alt_id_2 
_pdbx_validate_rmsd_angle.auth_atom_id_3 
_pdbx_validate_rmsd_angle.auth_asym_id_3 
_pdbx_validate_rmsd_angle.auth_comp_id_3 
_pdbx_validate_rmsd_angle.auth_seq_id_3 
_pdbx_validate_rmsd_angle.PDB_ins_code_3 
_pdbx_validate_rmsd_angle.label_alt_id_3 
_pdbx_validate_rmsd_angle.angle_value 
_pdbx_validate_rmsd_angle.angle_target_value 
_pdbx_validate_rmsd_angle.angle_deviation 
_pdbx_validate_rmsd_angle.angle_standard_deviation 
_pdbx_validate_rmsd_angle.linker_flag 
1   1 "O5'" A DC 1  ? ? "C5'" A DC 1  ? ? "C4'" A DC 1  ? ? 103.40 109.40 -6.00  0.80 N 
2   1 "O4'" A DC 1  ? ? "C4'" A DC 1  ? ? "C3'" A DC 1  ? ? 99.67  104.50 -4.83  0.40 N 
3   1 "C3'" A DC 1  ? ? "C2'" A DC 1  ? ? "C1'" A DC 1  ? ? 95.38  102.40 -7.02  0.80 N 
4   1 "O4'" A DC 1  ? ? "C1'" A DC 1  ? ? N1    A DC 1  ? ? 101.99 108.00 -6.01  0.70 N 
5   1 C6    A DC 1  ? ? N1    A DC 1  ? ? C2    A DC 1  ? ? 123.53 120.30 3.23   0.40 N 
6   1 N1    A DC 1  ? ? C2    A DC 1  ? ? N3    A DC 1  ? ? 111.08 119.20 -8.12  0.70 N 
7   1 C2    A DC 1  ? ? N3    A DC 1  ? ? C4    A DC 1  ? ? 125.66 119.90 5.76   0.50 N 
8   1 C4    A DC 1  ? ? C5    A DC 1  ? ? C6    A DC 1  ? ? 112.58 117.40 -4.82  0.50 N 
9   1 N1    A DC 1  ? ? C2    A DC 1  ? ? O2    A DC 1  ? ? 126.27 118.90 7.37   0.60 N 
10  1 OP1   A DA 2  ? ? P     A DA 2  ? ? OP2   A DA 2  ? ? 109.53 119.60 -10.07 1.50 N 
11  1 "O5'" A DA 2  ? ? P     A DA 2  ? ? OP2   A DA 2  ? ? 124.00 110.70 13.30  1.20 N 
12  1 P     A DA 2  ? ? "O5'" A DA 2  ? ? "C5'" A DA 2  ? ? 131.03 120.90 10.13  1.60 N 
13  1 "O4'" A DA 2  ? ? "C4'" A DA 2  ? ? "C3'" A DA 2  ? ? 92.22  104.50 -12.28 0.40 N 
14  1 "C5'" A DA 2  ? ? "C4'" A DA 2  ? ? "C3'" A DA 2  ? ? 124.34 115.70 8.64   1.20 N 
15  1 "C4'" A DA 2  ? ? "C3'" A DA 2  ? ? "C2'" A DA 2  ? ? 110.02 103.10 6.92   0.90 N 
16  1 C4    A DA 2  ? ? C5    A DA 2  ? ? C6    A DA 2  ? ? 120.15 117.00 3.15   0.50 N 
17  1 C6    A DA 2  ? ? C5    A DA 2  ? ? N7    A DA 2  ? ? 126.69 132.30 -5.61  0.70 N 
18  1 N1    A DA 2  ? ? C6    A DA 2  ? ? N6    A DA 2  ? ? 124.41 118.60 5.81   0.60 N 
19  1 "O3'" A DA 2  ? ? P     A DC 3  ? ? OP1   A DC 3  ? ? 118.98 110.50 8.48   1.10 Y 
20  1 "O5'" A DC 3  ? ? P     A DC 3  ? ? OP1   A DC 3  ? ? 119.83 110.70 9.13   1.20 N 
21  1 "C1'" A DC 3  ? ? "O4'" A DC 3  ? ? "C4'" A DC 3  ? ? 100.93 110.10 -9.17  1.00 N 
22  1 "C3'" A DC 3  ? ? "C2'" A DC 3  ? ? "C1'" A DC 3  ? ? 95.64  102.40 -6.76  0.80 N 
23  1 "O4'" A DC 3  ? ? "C1'" A DC 3  ? ? N1    A DC 3  ? ? 91.43  108.00 -16.57 0.70 N 
24  1 N1    A DC 3  ? ? C2    A DC 3  ? ? N3    A DC 3  ? ? 125.12 119.20 5.92   0.70 N 
25  1 C2    A DC 3  ? ? N3    A DC 3  ? ? C4    A DC 3  ? ? 116.23 119.90 -3.67  0.50 N 
26  1 C4    A DC 3  ? ? C5    A DC 3  ? ? C6    A DC 3  ? ? 124.01 117.40 6.61   0.50 N 
27  1 C5    A DC 3  ? ? C6    A DC 3  ? ? N1    A DC 3  ? ? 113.26 121.00 -7.74  0.50 N 
28  1 C5    A DC 3  ? ? C4    A DC 3  ? ? N4    A DC 3  ? ? 124.46 120.20 4.26   0.70 N 
29  1 "O3'" A DC 3  ? ? P     A DA 4  ? ? OP1   A DA 4  ? ? 121.29 110.50 10.79  1.10 Y 
30  1 P     A DA 4  ? ? "O5'" A DA 4  ? ? "C5'" A DA 4  ? ? 105.73 120.90 -15.17 1.60 N 
31  1 "O4'" A DA 4  ? ? "C4'" A DA 4  ? ? "C3'" A DA 4  ? ? 99.10  104.50 -5.40  0.40 N 
32  1 "O4'" A DA 4  ? ? "C1'" A DA 4  ? ? N9    A DA 4  ? ? 96.38  108.00 -11.62 0.70 N 
33  1 N1    A DA 4  ? ? C2    A DA 4  ? ? N3    A DA 4  ? ? 122.09 129.30 -7.21  0.50 N 
34  1 C2    A DA 4  ? ? N3    A DA 4  ? ? C4    A DA 4  ? ? 117.43 110.60 6.83   0.50 N 
35  1 C4    A DA 4  ? ? C5    A DA 4  ? ? C6    A DA 4  ? ? 113.50 117.00 -3.50  0.50 N 
36  1 C5    A DA 4  ? ? C6    A DA 4  ? ? N1    A DA 4  ? ? 123.40 117.70 5.70   0.50 N 
37  1 N1    A DA 4  ? ? C6    A DA 4  ? ? N6    A DA 4  ? ? 114.03 118.60 -4.57  0.60 N 
38  1 OP1   A DC 5  ? ? P     A DC 5  ? ? OP2   A DC 5  ? ? 109.10 119.60 -10.50 1.50 N 
39  1 "O5'" A DC 5  ? ? "C5'" A DC 5  ? ? "C4'" A DC 5  ? ? 97.00  109.40 -12.40 0.80 N 
40  1 "C5'" A DC 5  ? ? "C4'" A DC 5  ? ? "O4'" A DC 5  ? ? 123.19 109.80 13.39  1.10 N 
41  1 "C1'" A DC 5  ? ? "O4'" A DC 5  ? ? "C4'" A DC 5  ? ? 103.77 110.10 -6.33  1.00 N 
42  1 "O4'" A DC 5  ? ? "C1'" A DC 5  ? ? "C2'" A DC 5  ? ? 110.74 106.80 3.94   0.50 N 
43  1 "O4'" A DC 5  ? ? "C1'" A DC 5  ? ? N1    A DC 5  ? ? 101.08 108.00 -6.92  0.70 N 
44  1 C2    A DC 5  ? ? N3    A DC 5  ? ? C4    A DC 5  ? ? 124.39 119.90 4.49   0.50 N 
45  1 C4    A DC 5  ? ? C5    A DC 5  ? ? C6    A DC 5  ? ? 113.56 117.40 -3.84  0.50 N 
46  1 N3    A DC 5  ? ? C4    A DC 5  ? ? N4    A DC 5  ? ? 112.53 118.00 -5.47  0.70 N 
47  1 C5    A DC 5  ? ? C4    A DC 5  ? ? N4    A DC 5  ? ? 126.57 120.20 6.37   0.70 N 
48  1 C2    A DC 5  ? ? N1    A DC 5  ? ? "C1'" A DC 5  ? ? 111.59 118.80 -7.21  1.10 N 
49  1 "C3'" A DC 5  ? ? "O3'" A DC 5  ? ? P     A DG 6  ? ? 138.89 119.70 19.19  1.20 Y 
50  1 "O3'" A DC 5  ? ? P     A DG 6  ? ? "O5'" A DG 6  ? ? 88.62  104.00 -15.38 1.90 Y 
51  1 "O3'" A DC 5  ? ? P     A DG 6  ? ? OP1   A DG 6  ? ? 120.47 110.50 9.97   1.10 Y 
52  1 "O5'" A DG 6  ? ? P     A DG 6  ? ? OP1   A DG 6  ? ? 121.15 110.70 10.45  1.20 N 
53  1 P     A DG 6  ? ? "O5'" A DG 6  ? ? "C5'" A DG 6  ? ? 88.24  120.90 -32.66 1.60 N 
54  1 "O4'" A DG 6  ? ? "C4'" A DG 6  ? ? "C3'" A DG 6  ? ? 99.75  104.50 -4.75  0.40 N 
55  1 "C5'" A DG 6  ? ? "C4'" A DG 6  ? ? "O4'" A DG 6  ? ? 90.09  109.30 -19.21 1.90 N 
56  1 "O4'" A DG 6  ? ? "C1'" A DG 6  ? ? N9    A DG 6  ? ? 98.46  108.00 -9.54  0.70 N 
57  1 C6    A DG 6  ? ? N1    A DG 6  ? ? C2    A DG 6  ? ? 128.76 125.10 3.66   0.60 N 
58  1 C5    A DG 6  ? ? C6    A DG 6  ? ? N1    A DG 6  ? ? 107.60 111.50 -3.90  0.50 N 
59  1 C6    A DG 6  ? ? C5    A DG 6  ? ? N7    A DG 6  ? ? 126.34 130.40 -4.06  0.60 N 
60  1 N1    A DG 6  ? ? C6    A DG 6  ? ? O6    A DG 6  ? ? 124.33 119.90 4.43   0.60 N 
61  1 "O4'" B DC 7  ? ? "C4'" B DC 7  ? ? "C3'" B DC 7  ? ? 98.63  104.50 -5.87  0.40 N 
62  1 "C3'" B DC 7  ? ? "C2'" B DC 7  ? ? "C1'" B DC 7  ? ? 95.88  102.40 -6.52  0.80 N 
63  1 "O4'" B DC 7  ? ? "C1'" B DC 7  ? ? N1    B DC 7  ? ? 95.69  108.00 -12.31 0.70 N 
64  1 C6    B DC 7  ? ? N1    B DC 7  ? ? C2    B DC 7  ? ? 124.15 120.30 3.85   0.40 N 
65  1 N1    B DC 7  ? ? C2    B DC 7  ? ? N3    B DC 7  ? ? 112.22 119.20 -6.98  0.70 N 
66  1 C2    B DC 7  ? ? N3    B DC 7  ? ? C4    B DC 7  ? ? 124.97 119.90 5.07   0.50 N 
67  1 C4    B DC 7  ? ? C5    B DC 7  ? ? C6    B DC 7  ? ? 114.29 117.40 -3.11  0.50 N 
68  1 N1    B DC 7  ? ? C2    B DC 7  ? ? O2    B DC 7  ? ? 125.18 118.90 6.28   0.60 N 
69  1 "C3'" B DC 7  ? ? "O3'" B DC 7  ? ? P     B DG 8  ? ? 134.91 119.70 15.21  1.20 Y 
70  1 "O5'" B DG 8  ? ? "C5'" B DG 8  ? ? "C4'" B DG 8  ? ? 95.04  109.40 -14.36 0.80 N 
71  1 "O4'" B DG 8  ? ? "C4'" B DG 8  ? ? "C3'" B DG 8  ? ? 99.64  104.50 -4.86  0.40 N 
72  1 "C1'" B DG 8  ? ? "O4'" B DG 8  ? ? "C4'" B DG 8  ? ? 96.76  110.10 -13.34 1.00 N 
73  1 "O4'" B DG 8  ? ? "C1'" B DG 8  ? ? N9    B DG 8  ? ? 98.17  108.00 -9.83  0.70 N 
74  1 N1    B DG 8  ? ? C6    B DG 8  ? ? O6    B DG 8  ? ? 115.29 119.90 -4.61  0.60 N 
75  1 C5    B DG 8  ? ? C6    B DG 8  ? ? O6    B DG 8  ? ? 134.90 128.60 6.30   0.60 N 
76  1 OP1   B DT 9  ? ? P     B DT 9  ? ? OP2   B DT 9  ? ? 129.76 119.60 10.16  1.50 N 
77  1 "O5'" B DT 9  ? ? P     B DT 9  ? ? OP2   B DT 9  ? ? 93.90  105.70 -11.80 0.90 N 
78  1 "O5'" B DT 9  ? ? "C5'" B DT 9  ? ? "C4'" B DT 9  ? ? 104.48 109.40 -4.92  0.80 N 
79  1 P     B DT 9  ? ? "O5'" B DT 9  ? ? "C5'" B DT 9  ? ? 108.54 120.90 -12.36 1.60 N 
80  1 "O4'" B DT 9  ? ? "C4'" B DT 9  ? ? "C3'" B DT 9  ? ? 110.33 106.00 4.33   0.60 N 
81  1 "C5'" B DT 9  ? ? "C4'" B DT 9  ? ? "C3'" B DT 9  ? ? 103.07 114.10 -11.03 1.80 N 
82  1 "C5'" B DT 9  ? ? "C4'" B DT 9  ? ? "O4'" B DT 9  ? ? 116.61 109.80 6.81   1.10 N 
83  1 "C4'" B DT 9  ? ? "C3'" B DT 9  ? ? "C2'" B DT 9  ? ? 89.14  102.20 -13.06 0.70 N 
84  1 N1    B DT 9  ? ? C2    B DT 9  ? ? N3    B DT 9  ? ? 119.86 114.60 5.26   0.60 N 
85  1 N3    B DT 9  ? ? C2    B DT 9  ? ? O2    B DT 9  ? ? 118.55 122.30 -3.75  0.60 N 
86  1 N3    B DT 9  ? ? C4    B DT 9  ? ? O4    B DT 9  ? ? 116.17 119.90 -3.73  0.60 N 
87  1 C4    B DT 9  ? ? C5    B DT 9  ? ? C7    B DT 9  ? ? 122.72 119.00 3.72   0.60 N 
88  1 "C3'" B DT 9  ? ? "O3'" B DT 9  ? ? P     B DG 10 ? ? 134.41 119.70 14.71  1.20 Y 
89  1 "O5'" B DG 10 ? ? "C5'" B DG 10 ? ? "C4'" B DG 10 ? ? 96.24  109.40 -13.16 0.80 N 
90  1 C2    B DG 10 ? ? N3    B DG 10 ? ? C4    B DG 10 ? ? 115.19 111.90 3.29   0.50 N 
91  1 N3    B DG 10 ? ? C4    B DG 10 ? ? C5    B DG 10 ? ? 124.50 128.60 -4.10  0.50 N 
92  1 C4    B DG 10 ? ? C5    B DG 10 ? ? N7    B DG 10 ? ? 103.85 110.80 -6.95  0.40 N 
93  1 C5    B DG 10 ? ? N7    B DG 10 ? ? C8    B DG 10 ? ? 107.79 104.30 3.49   0.50 N 
94  1 C8    B DG 10 ? ? N9    B DG 10 ? ? C4    B DG 10 ? ? 101.97 106.40 -4.43  0.40 N 
95  1 N9    B DG 10 ? ? C4    B DG 10 ? ? C5    B DG 10 ? ? 112.09 105.40 6.69   0.40 N 
96  1 C6    B DG 10 ? ? C5    B DG 10 ? ? N7    B DG 10 ? ? 137.32 130.40 6.92   0.60 N 
97  1 N3    B DG 10 ? ? C2    B DG 10 ? ? N2    B DG 10 ? ? 112.33 119.90 -7.57  0.70 N 
98  1 N1    B DG 10 ? ? C6    B DG 10 ? ? O6    B DG 10 ? ? 112.99 119.90 -6.91  0.60 N 
99  1 C5    B DG 10 ? ? C6    B DG 10 ? ? O6    B DG 10 ? ? 136.17 128.60 7.57   0.60 N 
100 1 "O3'" B DG 10 ? ? P     B DT 11 ? ? "O5'" B DT 11 ? ? 118.92 104.00 14.92  1.90 Y 
101 1 "O3'" B DG 10 ? ? P     B DT 11 ? ? OP2   B DT 11 ? ? 89.28  105.20 -15.92 2.20 Y 
102 1 OP1   B DT 11 ? ? P     B DT 11 ? ? OP2   B DT 11 ? ? 129.69 119.60 10.09  1.50 N 
103 1 P     B DT 11 ? ? "O5'" B DT 11 ? ? "C5'" B DT 11 ? ? 131.50 120.90 10.60  1.60 N 
104 1 "C3'" B DT 11 ? ? "C2'" B DT 11 ? ? "C1'" B DT 11 ? ? 97.43  102.40 -4.97  0.80 N 
105 1 "O4'" B DT 11 ? ? "C1'" B DT 11 ? ? "C2'" B DT 11 ? ? 112.95 106.80 6.15   0.50 N 
106 1 "O4'" B DT 11 ? ? "C1'" B DT 11 ? ? N1    B DT 11 ? ? 102.13 108.00 -5.87  0.70 N 
107 1 C6    B DT 11 ? ? N1    B DT 11 ? ? C2    B DT 11 ? ? 126.56 121.30 5.26   0.50 N 
108 1 C5    B DT 11 ? ? C6    B DT 11 ? ? N1    B DT 11 ? ? 119.91 123.70 -3.79  0.60 N 
109 1 N1    B DT 11 ? ? C2    B DT 11 ? ? O2    B DT 11 ? ? 115.23 123.10 -7.87  0.80 N 
110 1 N3    B DT 11 ? ? C2    B DT 11 ? ? O2    B DT 11 ? ? 128.87 122.30 6.57   0.60 N 
111 1 N3    B DT 11 ? ? C4    B DT 11 ? ? O4    B DT 11 ? ? 110.65 119.90 -9.25  0.60 N 
112 1 C5    B DT 11 ? ? C4    B DT 11 ? ? O4    B DT 11 ? ? 133.44 124.90 8.54   0.70 N 
113 1 C4    B DT 11 ? ? C5    B DT 11 ? ? C7    B DT 11 ? ? 128.13 119.00 9.13   0.60 N 
114 1 C6    B DT 11 ? ? C5    B DT 11 ? ? C7    B DT 11 ? ? 115.09 122.90 -7.81  0.60 N 
115 1 C2    B DT 11 ? ? N1    B DT 11 ? ? "C1'" B DT 11 ? ? 105.73 118.20 -12.47 1.60 N 
116 1 "O5'" B DG 12 ? ? P     B DG 12 ? ? OP2   B DG 12 ? ? 121.16 110.70 10.46  1.20 N 
117 1 P     B DG 12 ? ? "O5'" B DG 12 ? ? "C5'" B DG 12 ? ? 130.70 120.90 9.80   1.60 N 
118 1 "O4'" B DG 12 ? ? "C4'" B DG 12 ? ? "C3'" B DG 12 ? ? 98.19  104.50 -6.31  0.40 N 
119 1 "C1'" B DG 12 ? ? "O4'" B DG 12 ? ? "C4'" B DG 12 ? ? 117.48 110.30 7.18   0.70 N 
120 1 "O4'" B DG 12 ? ? "C1'" B DG 12 ? ? N9    B DG 12 ? ? 117.50 108.30 9.20   0.30 N 
121 1 N1    B DG 12 ? ? C2    B DG 12 ? ? N3    B DG 12 ? ? 120.26 123.90 -3.64  0.60 N 
122 1 C2    B DG 12 ? ? N3    B DG 12 ? ? C4    B DG 12 ? ? 117.37 111.90 5.47   0.50 N 
123 1 N7    B DG 12 ? ? C8    B DG 12 ? ? N9    B DG 12 ? ? 116.97 113.10 3.87   0.50 N 
124 1 C8    B DG 12 ? ? N9    B DG 12 ? ? C4    B DG 12 ? ? 100.41 106.40 -5.99  0.40 N 
125 1 N9    B DG 12 ? ? C4    B DG 12 ? ? C5    B DG 12 ? ? 110.05 105.40 4.65   0.40 N 
126 1 N1    B DG 12 ? ? C2    B DG 12 ? ? N2    B DG 12 ? ? 123.47 116.20 7.27   0.90 N 
# 
loop_
_chem_comp_atom.comp_id 
_chem_comp_atom.atom_id 
_chem_comp_atom.type_symbol 
_chem_comp_atom.pdbx_aromatic_flag 
_chem_comp_atom.pdbx_stereo_config 
_chem_comp_atom.pdbx_ordinal 
DA  OP3    O N N 1   
DA  P      P N N 2   
DA  OP1    O N N 3   
DA  OP2    O N N 4   
DA  "O5'"  O N N 5   
DA  "C5'"  C N N 6   
DA  "C4'"  C N R 7   
DA  "O4'"  O N N 8   
DA  "C3'"  C N S 9   
DA  "O3'"  O N N 10  
DA  "C2'"  C N N 11  
DA  "C1'"  C N R 12  
DA  N9     N Y N 13  
DA  C8     C Y N 14  
DA  N7     N Y N 15  
DA  C5     C Y N 16  
DA  C6     C Y N 17  
DA  N6     N N N 18  
DA  N1     N Y N 19  
DA  C2     C Y N 20  
DA  N3     N Y N 21  
DA  C4     C Y N 22  
DA  HOP3   H N N 23  
DA  HOP2   H N N 24  
DA  "H5'"  H N N 25  
DA  "H5''" H N N 26  
DA  "H4'"  H N N 27  
DA  "H3'"  H N N 28  
DA  "HO3'" H N N 29  
DA  "H2'"  H N N 30  
DA  "H2''" H N N 31  
DA  "H1'"  H N N 32  
DA  H8     H N N 33  
DA  H61    H N N 34  
DA  H62    H N N 35  
DA  H2     H N N 36  
DC  OP3    O N N 37  
DC  P      P N N 38  
DC  OP1    O N N 39  
DC  OP2    O N N 40  
DC  "O5'"  O N N 41  
DC  "C5'"  C N N 42  
DC  "C4'"  C N R 43  
DC  "O4'"  O N N 44  
DC  "C3'"  C N S 45  
DC  "O3'"  O N N 46  
DC  "C2'"  C N N 47  
DC  "C1'"  C N R 48  
DC  N1     N N N 49  
DC  C2     C N N 50  
DC  O2     O N N 51  
DC  N3     N N N 52  
DC  C4     C N N 53  
DC  N4     N N N 54  
DC  C5     C N N 55  
DC  C6     C N N 56  
DC  HOP3   H N N 57  
DC  HOP2   H N N 58  
DC  "H5'"  H N N 59  
DC  "H5''" H N N 60  
DC  "H4'"  H N N 61  
DC  "H3'"  H N N 62  
DC  "HO3'" H N N 63  
DC  "H2'"  H N N 64  
DC  "H2''" H N N 65  
DC  "H1'"  H N N 66  
DC  H41    H N N 67  
DC  H42    H N N 68  
DC  H5     H N N 69  
DC  H6     H N N 70  
DG  OP3    O N N 71  
DG  P      P N N 72  
DG  OP1    O N N 73  
DG  OP2    O N N 74  
DG  "O5'"  O N N 75  
DG  "C5'"  C N N 76  
DG  "C4'"  C N R 77  
DG  "O4'"  O N N 78  
DG  "C3'"  C N S 79  
DG  "O3'"  O N N 80  
DG  "C2'"  C N N 81  
DG  "C1'"  C N R 82  
DG  N9     N Y N 83  
DG  C8     C Y N 84  
DG  N7     N Y N 85  
DG  C5     C Y N 86  
DG  C6     C N N 87  
DG  O6     O N N 88  
DG  N1     N N N 89  
DG  C2     C N N 90  
DG  N2     N N N 91  
DG  N3     N N N 92  
DG  C4     C Y N 93  
DG  HOP3   H N N 94  
DG  HOP2   H N N 95  
DG  "H5'"  H N N 96  
DG  "H5''" H N N 97  
DG  "H4'"  H N N 98  
DG  "H3'"  H N N 99  
DG  "HO3'" H N N 100 
DG  "H2'"  H N N 101 
DG  "H2''" H N N 102 
DG  "H1'"  H N N 103 
DG  H8     H N N 104 
DG  H1     H N N 105 
DG  H21    H N N 106 
DG  H22    H N N 107 
DT  OP3    O N N 108 
DT  P      P N N 109 
DT  OP1    O N N 110 
DT  OP2    O N N 111 
DT  "O5'"  O N N 112 
DT  "C5'"  C N N 113 
DT  "C4'"  C N R 114 
DT  "O4'"  O N N 115 
DT  "C3'"  C N S 116 
DT  "O3'"  O N N 117 
DT  "C2'"  C N N 118 
DT  "C1'"  C N R 119 
DT  N1     N N N 120 
DT  C2     C N N 121 
DT  O2     O N N 122 
DT  N3     N N N 123 
DT  C4     C N N 124 
DT  O4     O N N 125 
DT  C5     C N N 126 
DT  C7     C N N 127 
DT  C6     C N N 128 
DT  HOP3   H N N 129 
DT  HOP2   H N N 130 
DT  "H5'"  H N N 131 
DT  "H5''" H N N 132 
DT  "H4'"  H N N 133 
DT  "H3'"  H N N 134 
DT  "HO3'" H N N 135 
DT  "H2'"  H N N 136 
DT  "H2''" H N N 137 
DT  "H1'"  H N N 138 
DT  H3     H N N 139 
DT  H71    H N N 140 
DT  H72    H N N 141 
DT  H73    H N N 142 
DT  H6     H N N 143 
HOH O      O N N 144 
HOH H1     H N N 145 
HOH H2     H N N 146 
# 
loop_
_chem_comp_bond.comp_id 
_chem_comp_bond.atom_id_1 
_chem_comp_bond.atom_id_2 
_chem_comp_bond.value_order 
_chem_comp_bond.pdbx_aromatic_flag 
_chem_comp_bond.pdbx_stereo_config 
_chem_comp_bond.pdbx_ordinal 
DA  OP3   P      sing N N 1   
DA  OP3   HOP3   sing N N 2   
DA  P     OP1    doub N N 3   
DA  P     OP2    sing N N 4   
DA  P     "O5'"  sing N N 5   
DA  OP2   HOP2   sing N N 6   
DA  "O5'" "C5'"  sing N N 7   
DA  "C5'" "C4'"  sing N N 8   
DA  "C5'" "H5'"  sing N N 9   
DA  "C5'" "H5''" sing N N 10  
DA  "C4'" "O4'"  sing N N 11  
DA  "C4'" "C3'"  sing N N 12  
DA  "C4'" "H4'"  sing N N 13  
DA  "O4'" "C1'"  sing N N 14  
DA  "C3'" "O3'"  sing N N 15  
DA  "C3'" "C2'"  sing N N 16  
DA  "C3'" "H3'"  sing N N 17  
DA  "O3'" "HO3'" sing N N 18  
DA  "C2'" "C1'"  sing N N 19  
DA  "C2'" "H2'"  sing N N 20  
DA  "C2'" "H2''" sing N N 21  
DA  "C1'" N9     sing N N 22  
DA  "C1'" "H1'"  sing N N 23  
DA  N9    C8     sing Y N 24  
DA  N9    C4     sing Y N 25  
DA  C8    N7     doub Y N 26  
DA  C8    H8     sing N N 27  
DA  N7    C5     sing Y N 28  
DA  C5    C6     sing Y N 29  
DA  C5    C4     doub Y N 30  
DA  C6    N6     sing N N 31  
DA  C6    N1     doub Y N 32  
DA  N6    H61    sing N N 33  
DA  N6    H62    sing N N 34  
DA  N1    C2     sing Y N 35  
DA  C2    N3     doub Y N 36  
DA  C2    H2     sing N N 37  
DA  N3    C4     sing Y N 38  
DC  OP3   P      sing N N 39  
DC  OP3   HOP3   sing N N 40  
DC  P     OP1    doub N N 41  
DC  P     OP2    sing N N 42  
DC  P     "O5'"  sing N N 43  
DC  OP2   HOP2   sing N N 44  
DC  "O5'" "C5'"  sing N N 45  
DC  "C5'" "C4'"  sing N N 46  
DC  "C5'" "H5'"  sing N N 47  
DC  "C5'" "H5''" sing N N 48  
DC  "C4'" "O4'"  sing N N 49  
DC  "C4'" "C3'"  sing N N 50  
DC  "C4'" "H4'"  sing N N 51  
DC  "O4'" "C1'"  sing N N 52  
DC  "C3'" "O3'"  sing N N 53  
DC  "C3'" "C2'"  sing N N 54  
DC  "C3'" "H3'"  sing N N 55  
DC  "O3'" "HO3'" sing N N 56  
DC  "C2'" "C1'"  sing N N 57  
DC  "C2'" "H2'"  sing N N 58  
DC  "C2'" "H2''" sing N N 59  
DC  "C1'" N1     sing N N 60  
DC  "C1'" "H1'"  sing N N 61  
DC  N1    C2     sing N N 62  
DC  N1    C6     sing N N 63  
DC  C2    O2     doub N N 64  
DC  C2    N3     sing N N 65  
DC  N3    C4     doub N N 66  
DC  C4    N4     sing N N 67  
DC  C4    C5     sing N N 68  
DC  N4    H41    sing N N 69  
DC  N4    H42    sing N N 70  
DC  C5    C6     doub N N 71  
DC  C5    H5     sing N N 72  
DC  C6    H6     sing N N 73  
DG  OP3   P      sing N N 74  
DG  OP3   HOP3   sing N N 75  
DG  P     OP1    doub N N 76  
DG  P     OP2    sing N N 77  
DG  P     "O5'"  sing N N 78  
DG  OP2   HOP2   sing N N 79  
DG  "O5'" "C5'"  sing N N 80  
DG  "C5'" "C4'"  sing N N 81  
DG  "C5'" "H5'"  sing N N 82  
DG  "C5'" "H5''" sing N N 83  
DG  "C4'" "O4'"  sing N N 84  
DG  "C4'" "C3'"  sing N N 85  
DG  "C4'" "H4'"  sing N N 86  
DG  "O4'" "C1'"  sing N N 87  
DG  "C3'" "O3'"  sing N N 88  
DG  "C3'" "C2'"  sing N N 89  
DG  "C3'" "H3'"  sing N N 90  
DG  "O3'" "HO3'" sing N N 91  
DG  "C2'" "C1'"  sing N N 92  
DG  "C2'" "H2'"  sing N N 93  
DG  "C2'" "H2''" sing N N 94  
DG  "C1'" N9     sing N N 95  
DG  "C1'" "H1'"  sing N N 96  
DG  N9    C8     sing Y N 97  
DG  N9    C4     sing Y N 98  
DG  C8    N7     doub Y N 99  
DG  C8    H8     sing N N 100 
DG  N7    C5     sing Y N 101 
DG  C5    C6     sing N N 102 
DG  C5    C4     doub Y N 103 
DG  C6    O6     doub N N 104 
DG  C6    N1     sing N N 105 
DG  N1    C2     sing N N 106 
DG  N1    H1     sing N N 107 
DG  C2    N2     sing N N 108 
DG  C2    N3     doub N N 109 
DG  N2    H21    sing N N 110 
DG  N2    H22    sing N N 111 
DG  N3    C4     sing N N 112 
DT  OP3   P      sing N N 113 
DT  OP3   HOP3   sing N N 114 
DT  P     OP1    doub N N 115 
DT  P     OP2    sing N N 116 
DT  P     "O5'"  sing N N 117 
DT  OP2   HOP2   sing N N 118 
DT  "O5'" "C5'"  sing N N 119 
DT  "C5'" "C4'"  sing N N 120 
DT  "C5'" "H5'"  sing N N 121 
DT  "C5'" "H5''" sing N N 122 
DT  "C4'" "O4'"  sing N N 123 
DT  "C4'" "C3'"  sing N N 124 
DT  "C4'" "H4'"  sing N N 125 
DT  "O4'" "C1'"  sing N N 126 
DT  "C3'" "O3'"  sing N N 127 
DT  "C3'" "C2'"  sing N N 128 
DT  "C3'" "H3'"  sing N N 129 
DT  "O3'" "HO3'" sing N N 130 
DT  "C2'" "C1'"  sing N N 131 
DT  "C2'" "H2'"  sing N N 132 
DT  "C2'" "H2''" sing N N 133 
DT  "C1'" N1     sing N N 134 
DT  "C1'" "H1'"  sing N N 135 
DT  N1    C2     sing N N 136 
DT  N1    C6     sing N N 137 
DT  C2    O2     doub N N 138 
DT  C2    N3     sing N N 139 
DT  N3    C4     sing N N 140 
DT  N3    H3     sing N N 141 
DT  C4    O4     doub N N 142 
DT  C4    C5     sing N N 143 
DT  C5    C7     sing N N 144 
DT  C5    C6     doub N N 145 
DT  C7    H71    sing N N 146 
DT  C7    H72    sing N N 147 
DT  C7    H73    sing N N 148 
DT  C6    H6     sing N N 149 
HOH O     H1     sing N N 150 
HOH O     H2     sing N N 151 
# 
_ndb_struct_conf_na.entry_id   3E9W 
_ndb_struct_conf_na.feature    'z-form double helix' 
# 
loop_
_ndb_struct_na_base_pair.model_number 
_ndb_struct_na_base_pair.i_label_asym_id 
_ndb_struct_na_base_pair.i_label_comp_id 
_ndb_struct_na_base_pair.i_label_seq_id 
_ndb_struct_na_base_pair.i_symmetry 
_ndb_struct_na_base_pair.j_label_asym_id 
_ndb_struct_na_base_pair.j_label_comp_id 
_ndb_struct_na_base_pair.j_label_seq_id 
_ndb_struct_na_base_pair.j_symmetry 
_ndb_struct_na_base_pair.shear 
_ndb_struct_na_base_pair.stretch 
_ndb_struct_na_base_pair.stagger 
_ndb_struct_na_base_pair.buckle 
_ndb_struct_na_base_pair.propeller 
_ndb_struct_na_base_pair.opening 
_ndb_struct_na_base_pair.pair_number 
_ndb_struct_na_base_pair.pair_name 
_ndb_struct_na_base_pair.i_auth_asym_id 
_ndb_struct_na_base_pair.i_auth_seq_id 
_ndb_struct_na_base_pair.i_PDB_ins_code 
_ndb_struct_na_base_pair.j_auth_asym_id 
_ndb_struct_na_base_pair.j_auth_seq_id 
_ndb_struct_na_base_pair.j_PDB_ins_code 
_ndb_struct_na_base_pair.hbond_type_28 
_ndb_struct_na_base_pair.hbond_type_12 
1 A DC 1 1_555 B DG 6 1_555 -0.631 0.132  0.252 1.144  8.186  -8.851 1 A_DC1:DG12_B A 1 ? B 12 ? 19 1 
1 A DA 2 1_555 B DT 5 1_555 0.287  -0.648 0.345 0.612  5.396  7.925  2 A_DA2:DT11_B A 2 ? B 11 ? 20 1 
1 A DC 3 1_555 B DG 4 1_555 -0.374 -0.296 0.534 -2.540 8.812  3.162  3 A_DC3:DG10_B A 3 ? B 10 ? 19 1 
1 A DA 4 1_555 B DT 3 1_555 0.736  0.030  0.978 21.770 -0.100 7.664  4 A_DA4:DT9_B  A 4 ? B 9  ? 20 1 
1 A DC 5 1_555 B DG 2 1_555 0.032  -0.201 0.253 3.371  -2.232 5.128  5 A_DC5:DG8_B  A 5 ? B 8  ? 19 1 
1 A DG 6 1_555 B DC 1 1_555 0.414  0.187  0.204 8.351  9.007  0.695  6 A_DG6:DC7_B  A 6 ? B 7  ? 19 1 
# 
loop_
_ndb_struct_na_base_pair_step.model_number 
_ndb_struct_na_base_pair_step.i_label_asym_id_1 
_ndb_struct_na_base_pair_step.i_label_comp_id_1 
_ndb_struct_na_base_pair_step.i_label_seq_id_1 
_ndb_struct_na_base_pair_step.i_symmetry_1 
_ndb_struct_na_base_pair_step.j_label_asym_id_1 
_ndb_struct_na_base_pair_step.j_label_comp_id_1 
_ndb_struct_na_base_pair_step.j_label_seq_id_1 
_ndb_struct_na_base_pair_step.j_symmetry_1 
_ndb_struct_na_base_pair_step.i_label_asym_id_2 
_ndb_struct_na_base_pair_step.i_label_comp_id_2 
_ndb_struct_na_base_pair_step.i_label_seq_id_2 
_ndb_struct_na_base_pair_step.i_symmetry_2 
_ndb_struct_na_base_pair_step.j_label_asym_id_2 
_ndb_struct_na_base_pair_step.j_label_comp_id_2 
_ndb_struct_na_base_pair_step.j_label_seq_id_2 
_ndb_struct_na_base_pair_step.j_symmetry_2 
_ndb_struct_na_base_pair_step.shift 
_ndb_struct_na_base_pair_step.slide 
_ndb_struct_na_base_pair_step.rise 
_ndb_struct_na_base_pair_step.tilt 
_ndb_struct_na_base_pair_step.roll 
_ndb_struct_na_base_pair_step.twist 
_ndb_struct_na_base_pair_step.x_displacement 
_ndb_struct_na_base_pair_step.y_displacement 
_ndb_struct_na_base_pair_step.helical_rise 
_ndb_struct_na_base_pair_step.inclination 
_ndb_struct_na_base_pair_step.tip 
_ndb_struct_na_base_pair_step.helical_twist 
_ndb_struct_na_base_pair_step.step_number 
_ndb_struct_na_base_pair_step.step_name 
_ndb_struct_na_base_pair_step.i_auth_asym_id_1 
_ndb_struct_na_base_pair_step.i_auth_seq_id_1 
_ndb_struct_na_base_pair_step.i_PDB_ins_code_1 
_ndb_struct_na_base_pair_step.j_auth_asym_id_1 
_ndb_struct_na_base_pair_step.j_auth_seq_id_1 
_ndb_struct_na_base_pair_step.j_PDB_ins_code_1 
_ndb_struct_na_base_pair_step.i_auth_asym_id_2 
_ndb_struct_na_base_pair_step.i_auth_seq_id_2 
_ndb_struct_na_base_pair_step.i_PDB_ins_code_2 
_ndb_struct_na_base_pair_step.j_auth_asym_id_2 
_ndb_struct_na_base_pair_step.j_auth_seq_id_2 
_ndb_struct_na_base_pair_step.j_PDB_ins_code_2 
1 A DC 1 1_555 B DG 6 1_555 A DA 2 1_555 B DT 5 1_555 0.388  5.123  3.806 -2.639 5.671 -9.865  -31.154 -0.875 0.823 -29.408 
-13.683 -11.677 1 AA_DC1DA2:DT11DG12_BB A 1 ? B 12 ? A 2 ? B 11 ? 
1 A DA 2 1_555 B DT 5 1_555 A DC 3 1_555 B DG 4 1_555 0.181  -1.373 3.993 -0.861 4.341 -46.506 1.283   0.140  4.101 -5.484  -1.087 
-46.704 2 AA_DA2DC3:DG10DT11_BB A 2 ? B 11 ? A 3 ? B 10 ? 
1 A DC 3 1_555 B DG 4 1_555 A DA 4 1_555 B DT 3 1_555 -0.106 5.156  3.051 -3.695 2.393 -16.383 -18.751 -2.321 2.202 -8.206  
-12.673 -16.960 3 AA_DC3DA4:DT9DG10_BB  A 3 ? B 10 ? A 4 ? B 9  ? 
1 A DA 4 1_555 B DT 3 1_555 A DC 5 1_555 B DG 2 1_555 -0.232 -1.708 4.116 5.649  3.778 -40.751 1.900   0.453  4.245 -5.380  8.044 
-41.290 4 AA_DA4DC5:DG8DT9_BB   A 4 ? B 9  ? A 5 ? B 8  ? 
1 A DC 5 1_555 B DG 2 1_555 A DG 6 1_555 B DC 1 1_555 -0.154 5.177  3.714 3.847  4.789 -11.357 -27.508 2.908  1.400 -22.198 17.831 
-12.907 5 AA_DC5DG6:DC7DG8_BB   A 5 ? B 8  ? A 6 ? B 7  ? 
# 
_pdbx_initial_refinement_model.accession_code   ? 
_pdbx_initial_refinement_model.id               1 
_pdbx_initial_refinement_model.entity_id_list   ? 
_pdbx_initial_refinement_model.type             'experimental model' 
_pdbx_initial_refinement_model.source_name      Other 
_pdbx_initial_refinement_model.details          'coordinates of d(CGCGCG)' 
# 
_atom_sites.entry_id                    3E9W 
_atom_sites.fract_transf_matrix[1][1]   0.01519412 
_atom_sites.fract_transf_matrix[1][2]   -0.05041156 
_atom_sites.fract_transf_matrix[1][3]   0.03740844 
_atom_sites.fract_transf_matrix[2][1]   -0.00358660 
_atom_sites.fract_transf_matrix[2][2]   0.01284336 
_atom_sites.fract_transf_matrix[2][3]   0.01876446 
_atom_sites.fract_transf_matrix[3][1]   -0.04618588 
_atom_sites.fract_transf_matrix[3][2]   -0.04091435 
_atom_sites.fract_transf_matrix[3][3]   0.01917602 
_atom_sites.fract_transf_vector[1]      0.021432 
_atom_sites.fract_transf_vector[2]      0.009083 
_atom_sites.fract_transf_vector[3]      0.057501 
# 
loop_
_atom_type.symbol 
C 
N 
O 
P 
# 
loop_
_atom_site.group_PDB 
_atom_site.id 
_atom_site.type_symbol 
_atom_site.label_atom_id 
_atom_site.label_alt_id 
_atom_site.label_comp_id 
_atom_site.label_asym_id 
_atom_site.label_entity_id 
_atom_site.label_seq_id 
_atom_site.pdbx_PDB_ins_code 
_atom_site.Cartn_x 
_atom_site.Cartn_y 
_atom_site.Cartn_z 
_atom_site.occupancy 
_atom_site.B_iso_or_equiv 
_atom_site.pdbx_formal_charge 
_atom_site.auth_seq_id 
_atom_site.auth_comp_id 
_atom_site.auth_asym_id 
_atom_site.auth_atom_id 
_atom_site.pdbx_PDB_model_num 
ATOM   1   O "O5'" . DC  A 1 1 ? -5.512  1.863   10.597  1.00 35.52 ? 1  DC  A "O5'" 1 
ATOM   2   C "C5'" . DC  A 1 1 ? -5.528  1.524   9.297   1.00 29.29 ? 1  DC  A "C5'" 1 
ATOM   3   C "C4'" . DC  A 1 1 ? -4.029  1.437   8.930   1.00 38.73 ? 1  DC  A "C4'" 1 
ATOM   4   O "O4'" . DC  A 1 1 ? -3.696  2.059   7.644   1.00 43.07 ? 1  DC  A "O4'" 1 
ATOM   5   C "C3'" . DC  A 1 1 ? -2.942  2.074   9.814   1.00 51.12 ? 1  DC  A "C3'" 1 
ATOM   6   O "O3'" . DC  A 1 1 ? -1.622  1.469   9.445   1.00 44.30 ? 1  DC  A "O3'" 1 
ATOM   7   C "C2'" . DC  A 1 1 ? -3.064  3.547   9.373   1.00 42.01 ? 1  DC  A "C2'" 1 
ATOM   8   C "C1'" . DC  A 1 1 ? -2.965  3.257   7.880   1.00 30.49 ? 1  DC  A "C1'" 1 
ATOM   9   N N1    . DC  A 1 1 ? -3.710  4.174   7.225   1.00 26.86 ? 1  DC  A N1    1 
ATOM   10  C C2    . DC  A 1 1 ? -3.108  5.230   6.587   1.00 20.90 ? 1  DC  A C2    1 
ATOM   11  O O2    . DC  A 1 1 ? -1.889  5.496   6.589   1.00 25.44 ? 1  DC  A O2    1 
ATOM   12  N N3    . DC  A 1 1 ? -4.007  5.998   5.981   1.00 25.64 ? 1  DC  A N3    1 
ATOM   13  C C4    . DC  A 1 1 ? -5.313  5.805   5.988   1.00 12.52 ? 1  DC  A C4    1 
ATOM   14  N N4    . DC  A 1 1 ? -5.993  6.718   5.312   1.00 26.68 ? 1  DC  A N4    1 
ATOM   15  C C5    . DC  A 1 1 ? -5.908  4.729   6.576   1.00 27.46 ? 1  DC  A C5    1 
ATOM   16  C C6    . DC  A 1 1 ? -5.042  3.948   7.201   1.00 27.95 ? 1  DC  A C6    1 
ATOM   17  P P     . DA  A 1 2 ? -0.583  0.756   10.439  1.00 39.16 ? 2  DA  A P     1 
ATOM   18  O OP1   . DA  A 1 2 ? -1.371  0.007   11.440  1.00 44.78 ? 2  DA  A OP1   1 
ATOM   19  O OP2   . DA  A 1 2 ? 0.046   1.926   11.081  1.00 38.64 ? 2  DA  A OP2   1 
ATOM   20  O "O5'" . DA  A 1 2 ? 0.181   -0.218  9.344   1.00 49.47 ? 2  DA  A "O5'" 1 
ATOM   21  C "C5'" . DA  A 1 2 ? 0.273   -1.716  9.252   1.00 34.53 ? 2  DA  A "C5'" 1 
ATOM   22  C "C4'" . DA  A 1 2 ? -0.773  -2.657  8.592   1.00 22.37 ? 2  DA  A "C4'" 1 
ATOM   23  O "O4'" . DA  A 1 2 ? -1.973  -1.994  8.392   1.00 22.45 ? 2  DA  A "O4'" 1 
ATOM   24  C "C3'" . DA  A 1 2 ? -0.721  -3.105  7.186   1.00 26.30 ? 2  DA  A "C3'" 1 
ATOM   25  O "O3'" . DA  A 1 2 ? -0.064  -4.250  7.278   1.00 51.61 ? 2  DA  A "O3'" 1 
ATOM   26  C "C2'" . DA  A 1 2 ? -2.116  -3.542  6.722   1.00 31.43 ? 2  DA  A "C2'" 1 
ATOM   27  C "C1'" . DA  A 1 2 ? -2.921  -2.749  7.713   1.00 23.33 ? 2  DA  A "C1'" 1 
ATOM   28  N N9    . DA  A 1 2 ? -3.717  -1.835  6.944   1.00 29.68 ? 2  DA  A N9    1 
ATOM   29  C C8    . DA  A 1 2 ? -5.049  -1.982  6.786   1.00 43.00 ? 2  DA  A C8    1 
ATOM   30  N N7    . DA  A 1 2 ? -5.573  -1.080  6.021   1.00 46.98 ? 2  DA  A N7    1 
ATOM   31  C C5    . DA  A 1 2 ? -4.542  -0.332  5.640   1.00 32.67 ? 2  DA  A C5    1 
ATOM   32  C C6    . DA  A 1 2 ? -4.592  0.776   4.893   1.00 39.63 ? 2  DA  A C6    1 
ATOM   33  N N6    . DA  A 1 2 ? -5.743  1.200   4.430   1.00 29.12 ? 2  DA  A N6    1 
ATOM   34  N N1    . DA  A 1 2 ? -3.427  1.355   4.646   1.00 35.91 ? 2  DA  A N1    1 
ATOM   35  C C2    . DA  A 1 2 ? -2.300  0.856   5.213   1.00 30.58 ? 2  DA  A C2    1 
ATOM   36  N N3    . DA  A 1 2 ? -2.188  -0.155  6.048   1.00 43.63 ? 2  DA  A N3    1 
ATOM   37  C C4    . DA  A 1 2 ? -3.367  -0.726  6.200   1.00 29.56 ? 2  DA  A C4    1 
ATOM   38  P P     . DC  A 1 3 ? 0.545   -4.959  5.946   1.00 56.65 ? 3  DC  A P     1 
ATOM   39  O OP1   . DC  A 1 3 ? -0.394  -5.805  5.050   1.00 41.62 ? 3  DC  A OP1   1 
ATOM   40  O OP2   . DC  A 1 3 ? 1.698   -5.683  6.538   1.00 64.02 ? 3  DC  A OP2   1 
ATOM   41  O "O5'" . DC  A 1 3 ? 1.305   -3.647  5.321   1.00 49.64 ? 3  DC  A "O5'" 1 
ATOM   42  C "C5'" . DC  A 1 3 ? 2.464   -3.907  4.493   1.00 35.03 ? 3  DC  A "C5'" 1 
ATOM   43  C "C4'" . DC  A 1 3 ? 2.577   -2.724  3.575   1.00 31.00 ? 3  DC  A "C4'" 1 
ATOM   44  O "O4'" . DC  A 1 3 ? 1.283   -2.676  2.927   1.00 27.98 ? 3  DC  A "O4'" 1 
ATOM   45  C "C3'" . DC  A 1 3 ? 2.800   -1.444  4.332   1.00 26.35 ? 3  DC  A "C3'" 1 
ATOM   46  O "O3'" . DC  A 1 3 ? 3.488   -0.665  3.525   1.00 31.66 ? 3  DC  A "O3'" 1 
ATOM   47  C "C2'" . DC  A 1 3 ? 1.385   -0.913  4.395   1.00 22.54 ? 3  DC  A "C2'" 1 
ATOM   48  C "C1'" . DC  A 1 3 ? 1.004   -1.343  3.007   1.00 11.98 ? 3  DC  A "C1'" 1 
ATOM   49  N N1    . DC  A 1 3 ? -0.315  -1.562  2.651   1.00 18.75 ? 3  DC  A N1    1 
ATOM   50  C C2    . DC  A 1 3 ? -0.967  -0.700  1.836   1.00 19.92 ? 3  DC  A C2    1 
ATOM   51  O O2    . DC  A 1 3 ? -0.350  0.265   1.449   1.00 31.78 ? 3  DC  A O2    1 
ATOM   52  N N3    . DC  A 1 3 ? -2.200  -0.797  1.493   1.00 26.74 ? 3  DC  A N3    1 
ATOM   53  C C4    . DC  A 1 3 ? -2.844  -1.791  1.976   1.00 21.00 ? 3  DC  A C4    1 
ATOM   54  N N4    . DC  A 1 3 ? -4.152  -1.848  1.658   1.00 31.53 ? 3  DC  A N4    1 
ATOM   55  C C5    . DC  A 1 3 ? -2.200  -2.693  2.799   1.00 29.67 ? 3  DC  A C5    1 
ATOM   56  C C6    . DC  A 1 3 ? -0.903  -2.603  3.143   1.00 36.86 ? 3  DC  A C6    1 
ATOM   57  P P     . DA  A 1 4 ? 5.024   -0.619  3.599   1.00 42.42 ? 4  DA  A P     1 
ATOM   58  O OP1   . DA  A 1 4 ? 5.741   -1.145  4.751   1.00 37.37 ? 4  DA  A OP1   1 
ATOM   59  O OP2   . DA  A 1 4 ? 5.064   0.768   3.235   1.00 29.22 ? 4  DA  A OP2   1 
ATOM   60  O "O5'" . DA  A 1 4 ? 5.596   -1.410  2.423   1.00 36.67 ? 4  DA  A "O5'" 1 
ATOM   61  C "C5'" . DA  A 1 4 ? 6.936   -1.464  2.632   1.00 35.93 ? 4  DA  A "C5'" 1 
ATOM   62  C "C4'" . DA  A 1 4 ? 7.388   -2.722  1.942   1.00 27.82 ? 4  DA  A "C4'" 1 
ATOM   63  O "O4'" . DA  A 1 4 ? 6.359   -3.579  2.345   1.00 29.53 ? 4  DA  A "O4'" 1 
ATOM   64  C "C3'" . DA  A 1 4 ? 7.265   -2.890  0.435   1.00 40.51 ? 4  DA  A "C3'" 1 
ATOM   65  O "O3'" . DA  A 1 4 ? 8.351   -2.173  -0.405  1.00 46.18 ? 4  DA  A "O3'" 1 
ATOM   66  C "C2'" . DA  A 1 4 ? 7.124   -4.433  0.339   1.00 37.09 ? 4  DA  A "C2'" 1 
ATOM   67  C "C1'" . DA  A 1 4 ? 6.530   -4.804  1.701   1.00 24.84 ? 4  DA  A "C1'" 1 
ATOM   68  N N9    . DA  A 1 4 ? 5.147   -5.224  1.781   1.00 23.12 ? 4  DA  A N9    1 
ATOM   69  C C8    . DA  A 1 4 ? 4.638   -6.320  2.395   1.00 21.90 ? 4  DA  A C8    1 
ATOM   70  N N7    . DA  A 1 4 ? 3.336   -6.391  2.253   1.00 24.46 ? 4  DA  A N7    1 
ATOM   71  C C5    . DA  A 1 4 ? 2.975   -5.267  1.528   1.00 26.07 ? 4  DA  A C5    1 
ATOM   72  C C6    . DA  A 1 4 ? 1.750   -4.705  1.062   1.00 49.36 ? 4  DA  A C6    1 
ATOM   73  N N6    . DA  A 1 4 ? 0.571   -5.265  1.300   1.00 32.10 ? 4  DA  A N6    1 
ATOM   74  N N1    . DA  A 1 4 ? 1.678   -3.533  0.372   1.00 38.14 ? 4  DA  A N1    1 
ATOM   75  C C2    . DA  A 1 4 ? 2.813   -2.873  0.107   1.00 24.21 ? 4  DA  A C2    1 
ATOM   76  N N3    . DA  A 1 4 ? 4.024   -3.311  0.547   1.00 43.32 ? 4  DA  A N3    1 
ATOM   77  C C4    . DA  A 1 4 ? 4.053   -4.509  1.251   1.00 30.65 ? 4  DA  A C4    1 
ATOM   78  P P     . DC  A 1 5 ? 8.064   -0.963  -1.578  1.00 55.52 ? 5  DC  A P     1 
ATOM   79  O OP1   . DC  A 1 5 ? 9.060   0.137   -1.435  1.00 65.20 ? 5  DC  A OP1   1 
ATOM   80  O OP2   . DC  A 1 5 ? 6.694   -0.380  -1.612  1.00 66.47 ? 5  DC  A OP2   1 
ATOM   81  O "O5'" . DC  A 1 5 ? 8.377   -1.957  -2.842  1.00 62.92 ? 5  DC  A "O5'" 1 
ATOM   82  C "C5'" . DC  A 1 5 ? 8.060   -3.439  -3.036  1.00 47.31 ? 5  DC  A "C5'" 1 
ATOM   83  C "C4'" . DC  A 1 5 ? 7.012   -3.261  -4.167  1.00 41.51 ? 5  DC  A "C4'" 1 
ATOM   84  O "O4'" . DC  A 1 5 ? 5.879   -4.187  -4.372  1.00 31.50 ? 5  DC  A "O4'" 1 
ATOM   85  C "C3'" . DC  A 1 5 ? 6.422   -1.849  -3.975  1.00 38.35 ? 5  DC  A "C3'" 1 
ATOM   86  O "O3'" . DC  A 1 5 ? 6.263   -1.012  -5.213  1.00 48.14 ? 5  DC  A "O3'" 1 
ATOM   87  C "C2'" . DC  A 1 5 ? 5.188   -2.243  -3.150  1.00 36.57 ? 5  DC  A "C2'" 1 
ATOM   88  C "C1'" . DC  A 1 5 ? 4.750   -3.461  -3.866  1.00 30.13 ? 5  DC  A "C1'" 1 
ATOM   89  N N1    . DC  A 1 5 ? 4.072   -4.468  -3.176  1.00 24.00 ? 5  DC  A N1    1 
ATOM   90  C C2    . DC  A 1 5 ? 2.776   -4.467  -3.461  1.00 14.66 ? 5  DC  A C2    1 
ATOM   91  O O2    . DC  A 1 5 ? 2.325   -3.509  -4.080  1.00 22.59 ? 5  DC  A O2    1 
ATOM   92  N N3    . DC  A 1 5 ? 2.060   -5.485  -2.971  1.00 20.86 ? 5  DC  A N3    1 
ATOM   93  C C4    . DC  A 1 5 ? 2.561   -6.461  -2.172  1.00 18.70 ? 5  DC  A C4    1 
ATOM   94  N N4    . DC  A 1 5 ? 1.614   -7.387  -1.816  1.00 24.99 ? 5  DC  A N4    1 
ATOM   95  C C5    . DC  A 1 5 ? 3.959   -6.530  -1.902  1.00 26.81 ? 5  DC  A C5    1 
ATOM   96  C C6    . DC  A 1 5 ? 4.682   -5.490  -2.462  1.00 22.64 ? 5  DC  A C6    1 
ATOM   97  P P     . DG  A 1 6 ? 6.414   0.555   -5.672  1.00 45.60 ? 6  DG  A P     1 
ATOM   98  O OP1   . DG  A 1 6 ? 5.740   1.643   -4.895  1.00 49.29 ? 6  DG  A OP1   1 
ATOM   99  O OP2   . DG  A 1 6 ? 5.961   0.503   -7.091  1.00 36.85 ? 6  DG  A OP2   1 
ATOM   100 O "O5'" . DG  A 1 6 ? 7.969   0.377   -5.634  1.00 36.36 ? 6  DG  A "O5'" 1 
ATOM   101 C "C5'" . DG  A 1 6 ? 7.841   -0.585  -6.815  1.00 35.66 ? 6  DG  A "C5'" 1 
ATOM   102 C "C4'" . DG  A 1 6 ? 8.981   -1.002  -7.711  1.00 32.80 ? 6  DG  A "C4'" 1 
ATOM   103 O "O4'" . DG  A 1 6 ? 9.221   -2.114  -6.893  1.00 28.83 ? 6  DG  A "O4'" 1 
ATOM   104 C "C3'" . DG  A 1 6 ? 8.684   -1.705  -9.019  1.00 29.60 ? 6  DG  A "C3'" 1 
ATOM   105 O "O3'" . DG  A 1 6 ? 8.717   -0.780  -10.142 1.00 46.35 ? 6  DG  A "O3'" 1 
ATOM   106 C "C2'" . DG  A 1 6 ? 9.765   -2.799  -9.079  1.00 24.97 ? 6  DG  A "C2'" 1 
ATOM   107 C "C1'" . DG  A 1 6 ? 9.995   -3.032  -7.576  1.00 30.65 ? 6  DG  A "C1'" 1 
ATOM   108 N N9    . DG  A 1 6 ? 9.437   -4.247  -7.009  1.00 39.44 ? 6  DG  A N9    1 
ATOM   109 C C8    . DG  A 1 6 ? 10.169  -5.320  -6.548  1.00 48.41 ? 6  DG  A C8    1 
ATOM   110 N N7    . DG  A 1 6 ? 9.420   -6.318  -6.086  1.00 34.21 ? 6  DG  A N7    1 
ATOM   111 C C5    . DG  A 1 6 ? 8.140   -5.900  -6.298  1.00 47.92 ? 6  DG  A C5    1 
ATOM   112 C C6    . DG  A 1 6 ? 6.974   -6.615  -5.999  1.00 52.27 ? 6  DG  A C6    1 
ATOM   113 O O6    . DG  A 1 6 ? 6.875   -7.784  -5.512  1.00 44.83 ? 6  DG  A O6    1 
ATOM   114 N N1    . DG  A 1 6 ? 5.875   -5.801  -6.345  1.00 50.34 ? 6  DG  A N1    1 
ATOM   115 C C2    . DG  A 1 6 ? 5.874   -4.577  -6.946  1.00 41.60 ? 6  DG  A C2    1 
ATOM   116 N N2    . DG  A 1 6 ? 4.667   -4.086  -7.132  1.00 44.33 ? 6  DG  A N2    1 
ATOM   117 N N3    . DG  A 1 6 ? 6.971   -3.917  -7.229  1.00 58.41 ? 6  DG  A N3    1 
ATOM   118 C C4    . DG  A 1 6 ? 8.091   -4.628  -6.870  1.00 54.61 ? 6  DG  A C4    1 
ATOM   119 O "O5'" . DC  B 2 1 ? -3.645  -10.242 -6.141  1.00 39.21 ? 7  DC  B "O5'" 1 
ATOM   120 C "C5'" . DC  B 2 1 ? -2.507  -9.726  -6.888  1.00 58.02 ? 7  DC  B "C5'" 1 
ATOM   121 C "C4'" . DC  B 2 1 ? -2.422  -8.158  -6.817  1.00 44.06 ? 7  DC  B "C4'" 1 
ATOM   122 O "O4'" . DC  B 2 1 ? -1.255  -7.614  -6.080  1.00 45.16 ? 7  DC  B "O4'" 1 
ATOM   123 C "C3'" . DC  B 2 1 ? -2.239  -7.384  -8.145  1.00 53.51 ? 7  DC  B "C3'" 1 
ATOM   124 O "O3'" . DC  B 2 1 ? -2.672  -6.001  -7.856  1.00 59.59 ? 7  DC  B "O3'" 1 
ATOM   125 C "C2'" . DC  B 2 1 ? -0.723  -7.499  -8.295  1.00 40.81 ? 7  DC  B "C2'" 1 
ATOM   126 C "C1'" . DC  B 2 1 ? -0.391  -6.947  -6.929  1.00 20.94 ? 7  DC  B "C1'" 1 
ATOM   127 N N1    . DC  B 2 1 ? 0.746   -7.443  -6.380  1.00 24.27 ? 7  DC  B N1    1 
ATOM   128 C C2    . DC  B 2 1 ? 1.957   -6.763  -6.511  1.00 21.50 ? 7  DC  B C2    1 
ATOM   129 O O2    . DC  B 2 1 ? 2.120   -5.673  -7.140  1.00 21.83 ? 7  DC  B O2    1 
ATOM   130 N N3    . DC  B 2 1 ? 2.969   -7.398  -5.884  1.00 31.55 ? 7  DC  B N3    1 
ATOM   131 C C4    . DC  B 2 1 ? 2.854   -8.590  -5.215  1.00 17.47 ? 7  DC  B C4    1 
ATOM   132 N N4    . DC  B 2 1 ? 3.996   -9.055  -4.675  1.00 20.81 ? 7  DC  B N4    1 
ATOM   133 C C5    . DC  B 2 1 ? 1.627   -9.250  -5.099  1.00 22.95 ? 7  DC  B C5    1 
ATOM   134 C C6    . DC  B 2 1 ? 0.599   -8.625  -5.715  1.00 22.86 ? 7  DC  B C6    1 
ATOM   135 P P     . DG  B 2 2 ? -3.343  -4.771  -8.749  1.00 49.67 ? 8  DG  B P     1 
ATOM   136 O OP1   . DG  B 2 2 ? -3.478  -5.263  -10.175 1.00 54.52 ? 8  DG  B OP1   1 
ATOM   137 O OP2   . DG  B 2 2 ? -2.706  -3.400  -8.390  1.00 66.51 ? 8  DG  B OP2   1 
ATOM   138 O "O5'" . DG  B 2 2 ? -4.739  -4.730  -7.948  1.00 52.68 ? 8  DG  B "O5'" 1 
ATOM   139 C "C5'" . DG  B 2 2 ? -5.355  -3.533  -7.623  1.00 48.51 ? 8  DG  B "C5'" 1 
ATOM   140 C "C4'" . DG  B 2 2 ? -5.928  -4.019  -6.369  1.00 22.71 ? 8  DG  B "C4'" 1 
ATOM   141 O "O4'" . DG  B 2 2 ? -5.105  -5.028  -5.866  1.00 26.15 ? 8  DG  B "O4'" 1 
ATOM   142 C "C3'" . DG  B 2 2 ? -5.680  -2.996  -5.390  1.00 32.60 ? 8  DG  B "C3'" 1 
ATOM   143 O "O3'" . DG  B 2 2 ? -6.745  -2.220  -5.713  1.00 46.02 ? 8  DG  B "O3'" 1 
ATOM   144 C "C2'" . DG  B 2 2 ? -5.961  -3.777  -4.143  1.00 26.93 ? 8  DG  B "C2'" 1 
ATOM   145 C "C1'" . DG  B 2 2 ? -5.763  -5.194  -4.675  1.00 25.33 ? 8  DG  B "C1'" 1 
ATOM   146 N N9    . DG  B 2 2 ? -4.706  -5.901  -3.950  1.00 29.44 ? 8  DG  B N9    1 
ATOM   147 C C8    . DG  B 2 2 ? -4.944  -7.067  -3.347  1.00 25.82 ? 8  DG  B C8    1 
ATOM   148 N N7    . DG  B 2 2 ? -3.888  -7.524  -2.710  1.00 23.77 ? 8  DG  B N7    1 
ATOM   149 C C5    . DG  B 2 2 ? -2.862  -6.649  -3.015  1.00 22.28 ? 8  DG  B C5    1 
ATOM   150 C C6    . DG  B 2 2 ? -1.490  -6.651  -2.703  1.00 33.88 ? 8  DG  B C6    1 
ATOM   151 O O6    . DG  B 2 2 ? -0.731  -7.405  -2.045  1.00 32.88 ? 8  DG  B O6    1 
ATOM   152 N N1    . DG  B 2 2 ? -0.895  -5.511  -3.208  1.00 23.74 ? 8  DG  B N1    1 
ATOM   153 C C2    . DG  B 2 2 ? -1.493  -4.523  -3.920  1.00 25.99 ? 8  DG  B C2    1 
ATOM   154 N N2    . DG  B 2 2 ? -0.721  -3.523  -4.330  1.00 30.48 ? 8  DG  B N2    1 
ATOM   155 N N3    . DG  B 2 2 ? -2.747  -4.533  -4.204  1.00 37.12 ? 8  DG  B N3    1 
ATOM   156 C C4    . DG  B 2 2 ? -3.368  -5.624  -3.744  1.00 28.26 ? 8  DG  B C4    1 
ATOM   157 P P     . DT  B 2 3 ? -6.689  -0.671  -5.291  1.00 56.17 ? 9  DT  B P     1 
ATOM   158 O OP1   . DT  B 2 3 ? -7.499  -0.520  -4.018  1.00 47.48 ? 9  DT  B OP1   1 
ATOM   159 O OP2   . DT  B 2 3 ? -6.719  0.134   -6.533  1.00 53.18 ? 9  DT  B OP2   1 
ATOM   160 O "O5'" . DT  B 2 3 ? -5.195  -0.296  -4.956  1.00 46.22 ? 9  DT  B "O5'" 1 
ATOM   161 C "C5'" . DT  B 2 3 ? -5.169  0.363   -3.750  1.00 37.76 ? 9  DT  B "C5'" 1 
ATOM   162 C "C4'" . DT  B 2 3 ? -3.744  0.844   -3.613  1.00 34.99 ? 9  DT  B "C4'" 1 
ATOM   163 O "O4'" . DT  B 2 3 ? -2.944  0.264   -2.484  1.00 40.16 ? 9  DT  B "O4'" 1 
ATOM   164 C "C3'" . DT  B 2 3 ? -3.147  0.481   -4.897  1.00 26.61 ? 9  DT  B "C3'" 1 
ATOM   165 O "O3'" . DT  B 2 3 ? -2.004  1.398   -4.864  1.00 37.54 ? 9  DT  B "O3'" 1 
ATOM   166 C "C2'" . DT  B 2 3 ? -2.981  -0.995  -4.374  1.00 34.12 ? 9  DT  B "C2'" 1 
ATOM   167 C "C1'" . DT  B 2 3 ? -2.342  -0.872  -2.976  1.00 25.96 ? 9  DT  B "C1'" 1 
ATOM   168 N N1    . DT  B 2 3 ? -2.505  -1.914  -1.986  1.00 26.67 ? 9  DT  B N1    1 
ATOM   169 C C2    . DT  B 2 3 ? -1.429  -2.102  -1.176  1.00 34.63 ? 9  DT  B C2    1 
ATOM   170 O O2    . DT  B 2 3 ? -0.462  -1.457  -1.283  1.00 36.65 ? 9  DT  B O2    1 
ATOM   171 N N3    . DT  B 2 3 ? -1.466  -3.044  -0.233  1.00 32.44 ? 9  DT  B N3    1 
ATOM   172 C C4    . DT  B 2 3 ? -2.490  -3.917  -0.074  1.00 36.03 ? 9  DT  B C4    1 
ATOM   173 O O4    . DT  B 2 3 ? -2.340  -4.772  0.788   1.00 37.55 ? 9  DT  B O4    1 
ATOM   174 C C5    . DT  B 2 3 ? -3.656  -3.736  -0.921  1.00 41.63 ? 9  DT  B C5    1 
ATOM   175 C C7    . DT  B 2 3 ? -4.918  -4.600  -0.792  1.00 32.37 ? 9  DT  B C7    1 
ATOM   176 C C6    . DT  B 2 3 ? -3.582  -2.738  -1.858  1.00 33.23 ? 9  DT  B C6    1 
ATOM   177 P P     . DG  B 2 4 ? -1.565  2.674   -5.727  1.00 41.99 ? 10 DG  B P     1 
ATOM   178 O OP1   . DG  B 2 4 ? -2.012  2.538   -7.150  1.00 48.57 ? 10 DG  B OP1   1 
ATOM   179 O OP2   . DG  B 2 4 ? -0.187  2.766   -5.298  1.00 32.43 ? 10 DG  B OP2   1 
ATOM   180 O "O5'" . DG  B 2 4 ? -2.213  3.992   -5.165  1.00 32.07 ? 10 DG  B "O5'" 1 
ATOM   181 C "C5'" . DG  B 2 4 ? -1.549  5.042   -4.505  1.00 28.29 ? 10 DG  B "C5'" 1 
ATOM   182 C "C4'" . DG  B 2 4 ? -2.818  5.758   -4.012  1.00 23.79 ? 10 DG  B "C4'" 1 
ATOM   183 O "O4'" . DG  B 2 4 ? -3.801  4.795   -3.799  1.00 21.76 ? 10 DG  B "O4'" 1 
ATOM   184 C "C3'" . DG  B 2 4 ? -2.729  6.430   -2.702  1.00 30.43 ? 10 DG  B "C3'" 1 
ATOM   185 O "O3'" . DG  B 2 4 ? -2.092  7.717   -3.039  1.00 27.78 ? 10 DG  B "O3'" 1 
ATOM   186 C "C2'" . DG  B 2 4 ? -4.161  6.439   -2.241  1.00 17.22 ? 10 DG  B "C2'" 1 
ATOM   187 C "C1'" . DG  B 2 4 ? -4.794  5.261   -2.983  1.00 12.90 ? 10 DG  B "C1'" 1 
ATOM   188 N N9    . DG  B 2 4 ? -5.231  4.119   -2.221  1.00 20.40 ? 10 DG  B N9    1 
ATOM   189 C C8    . DG  B 2 4 ? -6.535  3.640   -2.014  1.00 23.64 ? 10 DG  B C8    1 
ATOM   190 N N7    . DG  B 2 4 ? -6.609  2.588   -1.194  1.00 24.66 ? 10 DG  B N7    1 
ATOM   191 C C5    . DG  B 2 4 ? -5.264  2.258   -0.776  1.00 27.85 ? 10 DG  B C5    1 
ATOM   192 C C6    . DG  B 2 4 ? -4.592  1.219   0.104   1.00 38.86 ? 10 DG  B C6    1 
ATOM   193 O O6    . DG  B 2 4 ? -4.985  0.188   0.829   1.00 31.07 ? 10 DG  B O6    1 
ATOM   194 N N1    . DG  B 2 4 ? -3.211  1.440   0.171   1.00 26.13 ? 10 DG  B N1    1 
ATOM   195 C C2    . DG  B 2 4 ? -2.573  2.426   -0.512  1.00 21.56 ? 10 DG  B C2    1 
ATOM   196 N N2    . DG  B 2 4 ? -1.251  2.553   -0.445  1.00 27.48 ? 10 DG  B N2    1 
ATOM   197 N N3    . DG  B 2 4 ? -3.120  3.329   -1.280  1.00 23.93 ? 10 DG  B N3    1 
ATOM   198 C C4    . DG  B 2 4 ? -4.462  3.245   -1.400  1.00 18.79 ? 10 DG  B C4    1 
ATOM   199 P P     . DT  B 2 5 ? -2.039  9.010   -2.057  1.00 51.09 ? 11 DT  B P     1 
ATOM   200 O OP1   . DT  B 2 5 ? -3.482  9.431   -1.796  1.00 66.06 ? 11 DT  B OP1   1 
ATOM   201 O OP2   . DT  B 2 5 ? -1.000  9.632   -2.964  1.00 52.49 ? 11 DT  B OP2   1 
ATOM   202 O "O5'" . DT  B 2 5 ? -1.253  8.881   -0.604  1.00 47.17 ? 11 DT  B "O5'" 1 
ATOM   203 C "C5'" . DT  B 2 5 ? -1.768  8.668   0.791   1.00 34.67 ? 11 DT  B "C5'" 1 
ATOM   204 C "C4'" . DT  B 2 5 ? -0.814  7.754   1.580   1.00 32.33 ? 11 DT  B "C4'" 1 
ATOM   205 O "O4'" . DT  B 2 5 ? -1.502  6.990   2.594   1.00 30.76 ? 11 DT  B "O4'" 1 
ATOM   206 C "C3'" . DT  B 2 5 ? 0.016   6.709   0.827   1.00 32.58 ? 11 DT  B "C3'" 1 
ATOM   207 O "O3'" . DT  B 2 5 ? 1.163   6.331   1.463   1.00 45.31 ? 11 DT  B "O3'" 1 
ATOM   208 C "C2'" . DT  B 2 5 ? -0.794  5.444   0.860   1.00 22.63 ? 11 DT  B "C2'" 1 
ATOM   209 C "C1'" . DT  B 2 5 ? -1.340  5.605   2.212   1.00 23.07 ? 11 DT  B "C1'" 1 
ATOM   210 N N1    . DT  B 2 5 ? -2.620  5.129   2.304   1.00 21.91 ? 11 DT  B N1    1 
ATOM   211 C C2    . DT  B 2 5 ? -2.559  4.112   3.092   1.00 23.39 ? 11 DT  B C2    1 
ATOM   212 O O2    . DT  B 2 5 ? -1.465  3.819   3.458   1.00 26.92 ? 11 DT  B O2    1 
ATOM   213 N N3    . DT  B 2 5 ? -3.735  3.526   3.388   1.00 25.04 ? 11 DT  B N3    1 
ATOM   214 C C4    . DT  B 2 5 ? -4.985  3.985   2.964   1.00 19.92 ? 11 DT  B C4    1 
ATOM   215 O O4    . DT  B 2 5 ? -5.888  3.268   3.413   1.00 32.04 ? 11 DT  B O4    1 
ATOM   216 C C5    . DT  B 2 5 ? -4.974  5.186   2.104   1.00 30.47 ? 11 DT  B C5    1 
ATOM   217 C C7    . DT  B 2 5 ? -6.158  5.889   1.458   1.00 35.35 ? 11 DT  B C7    1 
ATOM   218 C C6    . DT  B 2 5 ? -3.762  5.715   1.810   1.00 27.39 ? 11 DT  B C6    1 
ATOM   219 P P     . DG  B 2 6 ? 2.647   6.634   0.889   1.00 51.96 ? 12 DG  B P     1 
ATOM   220 O OP1   . DG  B 2 6 ? 2.488   6.678   -0.599  1.00 60.34 ? 12 DG  B OP1   1 
ATOM   221 O OP2   . DG  B 2 6 ? 3.371   5.409   1.483   1.00 52.62 ? 12 DG  B OP2   1 
ATOM   222 O "O5'" . DG  B 2 6 ? 3.081   8.196   1.326   1.00 35.20 ? 12 DG  B "O5'" 1 
ATOM   223 C "C5'" . DG  B 2 6 ? 3.862   8.717   2.546   1.00 29.92 ? 12 DG  B "C5'" 1 
ATOM   224 C "C4'" . DG  B 2 6 ? 3.588   10.227  2.698   1.00 20.79 ? 12 DG  B "C4'" 1 
ATOM   225 O "O4'" . DG  B 2 6 ? 2.204   10.310  2.278   1.00 26.75 ? 12 DG  B "O4'" 1 
ATOM   226 C "C3'" . DG  B 2 6 ? 3.438   10.880  4.068   1.00 23.48 ? 12 DG  B "C3'" 1 
ATOM   227 O "O3'" . DG  B 2 6 ? 4.656   11.557  4.549   1.00 39.91 ? 12 DG  B "O3'" 1 
ATOM   228 C "C2'" . DG  B 2 6 ? 2.307   11.913  3.941   1.00 17.16 ? 12 DG  B "C2'" 1 
ATOM   229 C "C1'" . DG  B 2 6 ? 1.433   11.417  2.758   1.00 25.01 ? 12 DG  B "C1'" 1 
ATOM   230 N N9    . DG  B 2 6 ? -0.062  11.210  2.924   1.00 36.48 ? 12 DG  B N9    1 
ATOM   231 C C8    . DG  B 2 6 ? -1.127  11.983  2.531   1.00 38.60 ? 12 DG  B C8    1 
ATOM   232 N N7    . DG  B 2 6 ? -2.340  11.529  2.822   1.00 37.50 ? 12 DG  B N7    1 
ATOM   233 C C5    . DG  B 2 6 ? -2.093  10.361  3.516   1.00 35.01 ? 12 DG  B C5    1 
ATOM   234 C C6    . DG  B 2 6 ? -2.926  9.401   4.174   1.00 35.99 ? 12 DG  B C6    1 
ATOM   235 O O6    . DG  B 2 6 ? -4.169  9.361   4.300   1.00 34.22 ? 12 DG  B O6    1 
ATOM   236 N N1    . DG  B 2 6 ? -2.198  8.376   4.784   1.00 35.59 ? 12 DG  B N1    1 
ATOM   237 C C2    . DG  B 2 6 ? -0.857  8.229   4.766   1.00 32.75 ? 12 DG  B C2    1 
ATOM   238 N N2    . DG  B 2 6 ? -0.227  7.187   5.297   1.00 24.47 ? 12 DG  B N2    1 
ATOM   239 N N3    . DG  B 2 6 ? -0.111  9.118   4.192   1.00 52.34 ? 12 DG  B N3    1 
ATOM   240 C C4    . DG  B 2 6 ? -0.737  10.164  3.586   1.00 44.49 ? 12 DG  B C4    1 
HETATM 241 O O     . HOH C 3 . ? -1.603  2.973   13.830  1.00 31.56 ? 7  HOH A O     1 
HETATM 242 O O     . HOH C 3 . ? 3.437   -2.617  7.674   1.00 41.39 ? 8  HOH A O     1 
HETATM 243 O O     . HOH C 3 . ? 2.602   3.330   12.190  1.00 42.70 ? 10 HOH A O     1 
HETATM 244 O O     . HOH C 3 . ? -3.734  -4.277  3.824   1.00 40.27 ? 13 HOH A O     1 
HETATM 245 O O     . HOH C 3 . ? 4.018   2.027   6.290   1.00 47.98 ? 15 HOH A O     1 
HETATM 246 O O     . HOH C 3 . ? 3.891   2.920   16.803  1.00 54.42 ? 16 HOH A O     1 
HETATM 247 O O     . HOH C 3 . ? 2.127   4.046   6.107   1.00 36.21 ? 17 HOH A O     1 
HETATM 248 O O     . HOH C 3 . ? -4.469  0.704   12.278  1.00 40.07 ? 18 HOH A O     1 
HETATM 249 O O     . HOH D 3 . ? -10.438 0.089   -4.199  1.00 32.06 ? 13 HOH B O     1 
HETATM 250 O O     . HOH D 3 . ? -6.258  11.023  3.032   1.00 44.03 ? 14 HOH B O     1 
HETATM 251 O O     . HOH D 3 . ? -5.583  12.048  0.661   1.00 43.21 ? 15 HOH B O     1 
HETATM 252 O O     . HOH D 3 . ? 1.716   6.673   -2.661  1.00 45.33 ? 16 HOH B O     1 
HETATM 253 O O     . HOH D 3 . ? 2.958   4.699   -5.179  1.00 24.69 ? 17 HOH B O     1 
HETATM 254 O O     . HOH D 3 . ? -8.342  0.209   2.013   1.00 28.77 ? 18 HOH B O     1 
HETATM 255 O O     . HOH D 3 . ? 4.766   4.449   3.576   1.00 34.63 ? 19 HOH B O     1 
HETATM 256 O O     . HOH D 3 . ? 1.019   2.366   -3.486  1.00 32.17 ? 20 HOH B O     1 
HETATM 257 O O     . HOH D 3 . ? 1.143   -2.607  -7.918  1.00 34.92 ? 21 HOH B O     1 
HETATM 258 O O     . HOH D 3 . ? 4.460   5.696   -7.564  1.00 42.22 ? 22 HOH B O     1 
HETATM 259 O O     . HOH D 3 . ? 5.327   5.640   -0.158  1.00 47.25 ? 23 HOH B O     1 
HETATM 260 O O     . HOH D 3 . ? 1.024   2.652   3.180   1.00 35.78 ? 24 HOH B O     1 
# 
